data_9J33
#
_entry.id   9J33
#
_cell.length_a   83.454
_cell.length_b   90.969
_cell.length_c   113.515
_cell.angle_alpha   90.00
_cell.angle_beta   90.00
_cell.angle_gamma   90.00
#
_symmetry.space_group_name_H-M   'P 21 21 21'
#
loop_
_entity.id
_entity.type
_entity.pdbx_description
1 polymer SnPolE-F140A
2 non-polymer 'FE (II) ION'
3 water water
#
_entity_poly.entity_id   1
_entity_poly.type   'polypeptide(L)'
_entity_poly.pdbx_seq_one_letter_code
;MPNSPTAAVIAEVDELREKIKGSRNSFRDQSFLDQLAQHIADAPHLGRQPIARALVEDLRGYASEPRLAAVKAHINEERD
QHIFSLFDASYFPSLSLEYLTYETLPTNPHLAARYASPTMPVNIIASSKGFQSRVVVALAPENHIDGIQRGDDLIFYFIN
KFVERHNRITRKMIDAVMAEGSFPLLRGADDRTVEQASSWWVRLHEYHHRQGDMPIPEFLRYKKLKPLAGLEELRVDVSG
MLVCLNDPELPADEARLAYEYILSERLLRYAVEGIPRPNYDAVASQLLFNYLSEHGGIELHGGVIRLCPELPAVLTEFLD
RIQRIEQRIHTTSAEEVQQNLLEFTNRYTDYDPDAKDYRHIPFFAEIKERLGV
;
_entity_poly.pdbx_strand_id   A,B
#
loop_
_chem_comp.id
_chem_comp.type
_chem_comp.name
_chem_comp.formula
FE2 non-polymer 'FE (II) ION' 'Fe 2'
#
# COMPACT_ATOMS: atom_id res chain seq x y z
N SER A 4 -8.56 -8.02 -37.52
CA SER A 4 -9.75 -8.39 -36.75
C SER A 4 -10.80 -7.27 -36.75
N PRO A 5 -12.08 -7.62 -36.96
CA PRO A 5 -13.11 -6.58 -36.83
C PRO A 5 -13.27 -6.12 -35.39
N THR A 6 -12.96 -6.98 -34.42
CA THR A 6 -13.03 -6.59 -33.03
C THR A 6 -11.94 -5.58 -32.68
N ALA A 7 -10.69 -5.88 -33.06
CA ALA A 7 -9.58 -4.98 -32.78
C ALA A 7 -9.80 -3.60 -33.37
N ALA A 8 -10.57 -3.49 -34.46
CA ALA A 8 -10.88 -2.19 -35.05
C ALA A 8 -11.94 -1.44 -34.26
N VAL A 9 -12.96 -2.16 -33.77
CA VAL A 9 -13.89 -1.61 -32.79
C VAL A 9 -13.12 -1.05 -31.60
N ILE A 10 -12.16 -1.81 -31.09
CA ILE A 10 -11.48 -1.46 -29.85
C ILE A 10 -10.51 -0.31 -30.08
N ALA A 11 -9.79 -0.33 -31.21
CA ALA A 11 -8.98 0.82 -31.58
C ALA A 11 -9.80 2.10 -31.54
N GLU A 12 -11.04 2.04 -32.04
CA GLU A 12 -11.93 3.20 -32.02
C GLU A 12 -12.31 3.61 -30.60
N VAL A 13 -12.57 2.62 -29.73
CA VAL A 13 -12.87 2.94 -28.34
C VAL A 13 -11.64 3.54 -27.66
N ASP A 14 -10.50 2.87 -27.80
CA ASP A 14 -9.25 3.39 -27.24
C ASP A 14 -8.96 4.82 -27.72
N GLU A 15 -9.35 5.14 -28.96
CA GLU A 15 -9.08 6.47 -29.48
C GLU A 15 -10.02 7.52 -28.88
N LEU A 16 -11.32 7.20 -28.80
CA LEU A 16 -12.25 8.05 -28.07
C LEU A 16 -11.90 8.13 -26.60
N ARG A 17 -11.31 7.07 -26.05
CA ARG A 17 -10.92 7.09 -24.65
C ARG A 17 -9.84 8.14 -24.40
N GLU A 18 -8.85 8.20 -25.29
CA GLU A 18 -7.81 9.23 -25.19
C GLU A 18 -8.41 10.62 -25.28
N LYS A 19 -9.40 10.81 -26.14
CA LYS A 19 -9.95 12.15 -26.35
C LYS A 19 -10.63 12.67 -25.09
N ILE A 20 -11.29 11.80 -24.33
CA ILE A 20 -12.13 12.23 -23.22
C ILE A 20 -11.44 12.07 -21.88
N LYS A 21 -10.17 11.67 -21.87
CA LYS A 21 -9.47 11.38 -20.62
C LYS A 21 -9.38 12.60 -19.70
N GLY A 22 -9.38 13.80 -20.24
CA GLY A 22 -9.25 14.94 -19.36
C GLY A 22 -10.57 15.49 -18.85
N SER A 23 -11.66 14.76 -19.04
CA SER A 23 -12.99 15.33 -18.89
C SER A 23 -13.86 14.59 -17.88
N ARG A 24 -13.26 13.92 -16.87
CA ARG A 24 -14.07 13.08 -15.99
C ARG A 24 -15.16 13.88 -15.31
N ASN A 25 -14.89 15.16 -15.02
CA ASN A 25 -15.91 15.98 -14.39
C ASN A 25 -17.08 16.24 -15.33
N SER A 26 -16.84 16.24 -16.63
CA SER A 26 -17.92 16.45 -17.59
C SER A 26 -18.70 15.18 -17.90
N PHE A 27 -18.42 14.05 -17.23
CA PHE A 27 -19.00 12.78 -17.64
C PHE A 27 -20.51 12.72 -17.42
N ARG A 28 -21.07 13.61 -16.61
CA ARG A 28 -22.51 13.69 -16.48
C ARG A 28 -23.07 15.01 -17.00
N ASP A 29 -22.26 15.79 -17.72
CA ASP A 29 -22.71 17.01 -18.36
C ASP A 29 -23.33 16.65 -19.71
N GLN A 30 -24.54 17.14 -19.97
CA GLN A 30 -25.25 16.72 -21.18
C GLN A 30 -24.59 17.28 -22.44
N SER A 31 -23.91 18.42 -22.34
CA SER A 31 -23.16 18.94 -23.49
C SER A 31 -22.02 18.00 -23.86
N PHE A 32 -21.29 17.50 -22.86
CA PHE A 32 -20.29 16.48 -23.12
C PHE A 32 -20.93 15.22 -23.69
N LEU A 33 -21.98 14.74 -23.03
CA LEU A 33 -22.55 13.45 -23.38
C LEU A 33 -23.05 13.45 -24.82
N ASP A 34 -23.74 14.52 -25.23
CA ASP A 34 -24.27 14.58 -26.60
C ASP A 34 -23.16 14.38 -27.63
N GLN A 35 -22.01 15.03 -27.44
CA GLN A 35 -20.90 14.89 -28.38
C GLN A 35 -20.30 13.49 -28.31
N LEU A 36 -20.13 12.96 -27.09
CA LEU A 36 -19.64 11.60 -26.95
C LEU A 36 -20.55 10.63 -27.71
N ALA A 37 -21.86 10.74 -27.48
CA ALA A 37 -22.82 9.91 -28.20
C ALA A 37 -22.67 10.06 -29.71
N GLN A 38 -22.51 11.30 -30.18
CA GLN A 38 -22.35 11.52 -31.62
C GLN A 38 -21.07 10.88 -32.13
N HIS A 39 -19.96 11.05 -31.40
CA HIS A 39 -18.71 10.42 -31.84
C HIS A 39 -18.83 8.90 -31.83
N ILE A 40 -19.56 8.33 -30.86
CA ILE A 40 -19.81 6.90 -30.87
C ILE A 40 -20.65 6.51 -32.08
N ALA A 41 -21.73 7.25 -32.34
CA ALA A 41 -22.58 6.94 -33.49
C ALA A 41 -21.80 7.02 -34.79
N ASP A 42 -20.98 8.06 -34.95
CA ASP A 42 -20.14 8.24 -36.13
C ASP A 42 -18.98 7.24 -36.21
N ALA A 43 -18.80 6.35 -35.25
CA ALA A 43 -17.66 5.45 -35.32
C ALA A 43 -17.89 4.38 -36.37
N PRO A 44 -16.98 4.22 -37.35
CA PRO A 44 -17.21 3.26 -38.44
C PRO A 44 -17.60 1.86 -37.98
N HIS A 45 -16.77 1.22 -37.17
CA HIS A 45 -17.07 -0.15 -36.76
C HIS A 45 -17.85 -0.23 -35.45
N LEU A 46 -17.64 0.72 -34.56
CA LEU A 46 -18.26 0.65 -33.24
C LEU A 46 -19.72 1.11 -33.29
N GLY A 47 -20.01 2.19 -34.04
CA GLY A 47 -21.37 2.69 -34.17
C GLY A 47 -22.36 1.65 -34.68
N ARG A 48 -21.88 0.61 -35.34
CA ARG A 48 -22.75 -0.46 -35.81
C ARG A 48 -23.19 -1.41 -34.70
N GLN A 49 -22.38 -1.56 -33.65
CA GLN A 49 -22.69 -2.57 -32.64
C GLN A 49 -23.98 -2.22 -31.91
N PRO A 50 -24.90 -3.17 -31.74
CA PRO A 50 -26.13 -2.87 -30.99
C PRO A 50 -25.86 -2.28 -29.62
N ILE A 51 -24.82 -2.77 -28.93
CA ILE A 51 -24.55 -2.26 -27.59
C ILE A 51 -24.19 -0.79 -27.67
N ALA A 52 -23.43 -0.39 -28.69
CA ALA A 52 -23.06 1.02 -28.84
C ALA A 52 -24.29 1.87 -29.12
N ARG A 53 -25.23 1.34 -29.91
CA ARG A 53 -26.48 2.07 -30.11
C ARG A 53 -27.28 2.13 -28.81
N ALA A 54 -27.20 1.08 -27.99
CA ALA A 54 -27.83 1.17 -26.68
C ALA A 54 -27.23 2.30 -25.86
N LEU A 55 -25.91 2.43 -25.88
CA LEU A 55 -25.26 3.48 -25.09
C LEU A 55 -25.59 4.87 -25.63
N VAL A 56 -25.55 5.03 -26.96
CA VAL A 56 -25.89 6.31 -27.58
C VAL A 56 -27.27 6.77 -27.12
N GLU A 57 -28.24 5.85 -27.15
CA GLU A 57 -29.58 6.18 -26.70
C GLU A 57 -29.57 6.55 -25.22
N ASP A 58 -28.96 5.71 -24.37
CA ASP A 58 -28.87 5.98 -22.93
C ASP A 58 -28.23 7.34 -22.66
N LEU A 59 -27.08 7.58 -23.28
CA LEU A 59 -26.38 8.84 -23.06
C LEU A 59 -27.23 10.03 -23.50
N ARG A 60 -27.85 9.94 -24.70
CA ARG A 60 -28.60 11.07 -25.23
C ARG A 60 -29.78 11.43 -24.34
N GLY A 61 -30.33 10.46 -23.63
CA GLY A 61 -31.42 10.71 -22.71
C GLY A 61 -31.01 11.02 -21.29
N TYR A 62 -29.71 11.16 -21.01
CA TYR A 62 -29.24 11.12 -19.63
C TYR A 62 -29.80 12.27 -18.79
N ALA A 63 -30.02 13.43 -19.40
CA ALA A 63 -30.45 14.60 -18.63
C ALA A 63 -31.85 14.40 -18.07
N SER A 64 -32.72 13.67 -18.77
CA SER A 64 -34.03 13.36 -18.21
C SER A 64 -34.00 12.10 -17.35
N GLU A 65 -33.29 11.08 -17.82
CA GLU A 65 -33.17 9.81 -17.07
C GLU A 65 -31.69 9.49 -16.92
N PRO A 66 -31.09 9.76 -15.74
CA PRO A 66 -29.67 9.41 -15.52
C PRO A 66 -29.52 7.91 -15.22
N ARG A 67 -29.71 7.10 -16.25
CA ARG A 67 -29.62 5.66 -16.16
C ARG A 67 -28.98 5.13 -17.43
N LEU A 68 -28.36 3.97 -17.33
CA LEU A 68 -27.88 3.28 -18.51
C LEU A 68 -28.76 2.05 -18.75
N ALA A 69 -30.08 2.26 -18.82
CA ALA A 69 -31.02 1.13 -18.82
C ALA A 69 -30.88 0.28 -20.07
N ALA A 70 -30.67 0.90 -21.23
CA ALA A 70 -30.60 0.12 -22.46
C ALA A 70 -29.32 -0.69 -22.53
N VAL A 71 -28.20 -0.12 -22.06
CA VAL A 71 -26.94 -0.88 -22.05
C VAL A 71 -27.05 -2.03 -21.06
N LYS A 72 -27.54 -1.76 -19.84
CA LYS A 72 -27.61 -2.81 -18.84
C LYS A 72 -28.63 -3.88 -19.20
N ALA A 73 -29.70 -3.50 -19.91
CA ALA A 73 -30.62 -4.53 -20.38
C ALA A 73 -29.95 -5.41 -21.43
N HIS A 74 -29.18 -4.80 -22.35
CA HIS A 74 -28.41 -5.60 -23.30
C HIS A 74 -27.45 -6.55 -22.56
N ILE A 75 -26.74 -6.03 -21.57
CA ILE A 75 -25.73 -6.83 -20.87
C ILE A 75 -26.40 -7.90 -20.03
N ASN A 76 -27.46 -7.53 -19.29
CA ASN A 76 -28.05 -8.49 -18.38
C ASN A 76 -28.76 -9.61 -19.14
N GLU A 77 -29.28 -9.33 -20.32
CA GLU A 77 -29.90 -10.38 -21.11
C GLU A 77 -28.92 -11.17 -21.95
N GLU A 78 -27.65 -10.75 -21.97
CA GLU A 78 -26.60 -11.41 -22.75
C GLU A 78 -27.00 -11.50 -24.22
N ARG A 79 -27.49 -10.39 -24.77
CA ARG A 79 -27.82 -10.31 -26.19
C ARG A 79 -26.60 -10.60 -27.06
N ASP A 80 -25.41 -10.28 -26.57
CA ASP A 80 -24.17 -10.81 -27.09
C ASP A 80 -23.17 -10.83 -25.94
N GLN A 81 -21.92 -11.17 -26.25
CA GLN A 81 -20.87 -11.28 -25.24
C GLN A 81 -20.00 -10.03 -25.22
N HIS A 82 -20.56 -8.89 -25.60
CA HIS A 82 -19.86 -7.62 -25.60
C HIS A 82 -20.33 -6.76 -24.44
N ILE A 83 -19.38 -6.10 -23.78
CA ILE A 83 -19.66 -5.07 -22.79
C ILE A 83 -19.02 -3.78 -23.27
N PHE A 84 -19.76 -2.68 -23.14
CA PHE A 84 -19.33 -1.37 -23.61
C PHE A 84 -20.16 -0.34 -22.85
N SER A 85 -19.49 0.57 -22.15
CA SER A 85 -20.21 1.59 -21.38
C SER A 85 -19.24 2.71 -21.03
N LEU A 86 -19.78 3.71 -20.35
CA LEU A 86 -19.01 4.78 -19.72
C LEU A 86 -19.03 4.57 -18.21
N PHE A 87 -17.85 4.41 -17.62
CA PHE A 87 -17.70 4.00 -16.23
C PHE A 87 -17.09 5.11 -15.39
N ASP A 88 -17.44 5.10 -14.11
CA ASP A 88 -16.87 6.02 -13.15
C ASP A 88 -16.84 5.26 -11.81
N ALA A 89 -15.79 4.46 -11.62
CA ALA A 89 -15.63 3.68 -10.39
C ALA A 89 -14.35 4.16 -9.70
N SER A 90 -14.52 4.82 -8.56
CA SER A 90 -13.38 5.51 -7.95
C SER A 90 -12.24 4.58 -7.58
N TYR A 91 -12.51 3.29 -7.35
CA TYR A 91 -11.46 2.30 -7.07
C TYR A 91 -10.96 1.57 -8.32
N PHE A 92 -11.60 1.79 -9.47
CA PHE A 92 -11.09 1.34 -10.77
C PHE A 92 -10.82 2.57 -11.63
N PRO A 93 -9.85 3.43 -11.25
CA PRO A 93 -9.71 4.73 -11.94
C PRO A 93 -9.32 4.62 -13.41
N SER A 94 -8.78 3.49 -13.86
CA SER A 94 -8.45 3.32 -15.28
C SER A 94 -9.67 3.31 -16.20
N LEU A 95 -10.88 3.13 -15.66
CA LEU A 95 -12.06 2.89 -16.48
C LEU A 95 -12.75 4.23 -16.79
N SER A 96 -12.81 4.59 -18.08
CA SER A 96 -13.69 5.67 -18.51
C SER A 96 -14.65 5.08 -19.53
N LEU A 97 -14.44 5.30 -20.83
CA LEU A 97 -15.21 4.64 -21.88
C LEU A 97 -14.48 3.38 -22.29
N GLU A 98 -15.14 2.24 -22.14
CA GLU A 98 -14.45 0.96 -22.24
C GLU A 98 -15.32 -0.06 -22.95
N TYR A 99 -14.65 -1.05 -23.53
CA TYR A 99 -15.26 -2.10 -24.35
C TYR A 99 -14.53 -3.39 -24.06
N LEU A 100 -15.26 -4.50 -23.95
CA LEU A 100 -14.59 -5.79 -23.98
C LEU A 100 -15.53 -6.81 -24.57
N THR A 101 -14.94 -7.92 -25.00
CA THR A 101 -15.69 -9.11 -25.40
C THR A 101 -15.24 -10.24 -24.49
N TYR A 102 -16.17 -11.10 -24.07
CA TYR A 102 -15.80 -12.15 -23.16
C TYR A 102 -16.30 -13.52 -23.66
N GLU A 103 -15.90 -14.55 -22.94
CA GLU A 103 -16.42 -15.90 -23.11
C GLU A 103 -16.74 -16.44 -21.72
N THR A 104 -17.86 -17.16 -21.62
CA THR A 104 -18.29 -17.67 -20.33
C THR A 104 -17.60 -18.99 -19.99
N LEU A 105 -17.70 -19.39 -18.73
CA LEU A 105 -17.07 -20.60 -18.26
C LEU A 105 -18.09 -21.68 -17.92
N PRO A 106 -17.72 -22.96 -18.09
CA PRO A 106 -18.60 -24.05 -17.63
C PRO A 106 -18.91 -23.89 -16.16
N THR A 107 -20.15 -24.18 -15.80
CA THR A 107 -20.54 -24.19 -14.40
C THR A 107 -21.12 -25.55 -14.03
N ASN A 108 -20.84 -25.99 -12.80
CA ASN A 108 -21.45 -27.20 -12.30
C ASN A 108 -22.95 -26.96 -12.09
N PRO A 109 -23.81 -27.89 -12.51
CA PRO A 109 -25.27 -27.65 -12.39
C PRO A 109 -25.77 -27.47 -10.96
N HIS A 110 -25.33 -28.32 -10.02
CA HIS A 110 -25.81 -28.16 -8.65
C HIS A 110 -25.36 -26.82 -8.08
N LEU A 111 -24.08 -26.50 -8.24
CA LEU A 111 -23.54 -25.21 -7.80
C LEU A 111 -24.38 -24.06 -8.32
N ALA A 112 -24.72 -24.08 -9.61
CA ALA A 112 -25.52 -23.01 -10.19
C ALA A 112 -26.91 -22.94 -9.55
N ALA A 113 -27.52 -24.08 -9.25
CA ALA A 113 -28.88 -24.10 -8.73
C ALA A 113 -28.94 -23.76 -7.25
N ARG A 114 -28.12 -24.43 -6.44
CA ARG A 114 -28.21 -24.29 -4.98
C ARG A 114 -27.59 -22.99 -4.48
N TYR A 115 -26.59 -22.47 -5.18
CA TYR A 115 -25.86 -21.28 -4.77
C TYR A 115 -26.00 -20.20 -5.85
N ALA A 116 -27.24 -19.98 -6.30
CA ALA A 116 -27.50 -19.12 -7.45
C ALA A 116 -27.31 -17.64 -7.15
N SER A 117 -26.72 -16.93 -8.10
CA SER A 117 -26.58 -15.48 -8.00
C SER A 117 -26.27 -14.94 -9.40
N PRO A 118 -26.48 -13.63 -9.63
CA PRO A 118 -26.27 -13.10 -11.00
C PRO A 118 -24.79 -12.91 -11.32
N THR A 119 -24.04 -14.01 -11.32
CA THR A 119 -22.59 -13.99 -11.38
C THR A 119 -22.11 -14.53 -12.73
N MET A 120 -21.16 -13.83 -13.34
CA MET A 120 -20.62 -14.18 -14.65
C MET A 120 -19.11 -14.31 -14.53
N PRO A 121 -18.60 -15.48 -14.16
CA PRO A 121 -17.15 -15.74 -14.29
C PRO A 121 -16.81 -15.92 -15.77
N VAL A 122 -15.97 -15.02 -16.30
CA VAL A 122 -15.69 -14.99 -17.73
C VAL A 122 -14.20 -14.77 -17.95
N ASN A 123 -13.73 -15.14 -19.14
CA ASN A 123 -12.42 -14.73 -19.63
C ASN A 123 -12.59 -13.53 -20.56
N ILE A 124 -11.72 -12.55 -20.43
CA ILE A 124 -11.70 -11.44 -21.37
C ILE A 124 -10.94 -11.87 -22.62
N ILE A 125 -11.56 -11.68 -23.78
CA ILE A 125 -10.95 -12.01 -25.07
C ILE A 125 -10.22 -10.82 -25.67
N ALA A 126 -10.90 -9.69 -25.76
CA ALA A 126 -10.30 -8.44 -26.19
C ALA A 126 -10.85 -7.33 -25.32
N SER A 127 -10.10 -6.25 -25.17
CA SER A 127 -10.61 -5.15 -24.37
C SER A 127 -9.87 -3.86 -24.66
N SER A 128 -10.53 -2.77 -24.35
CA SER A 128 -9.96 -1.43 -24.38
C SER A 128 -8.92 -1.27 -23.25
N LYS A 129 -8.20 -0.16 -23.31
CA LYS A 129 -7.01 -0.01 -22.47
C LYS A 129 -7.36 -0.02 -20.98
N GLY A 130 -8.48 0.61 -20.60
CA GLY A 130 -8.82 0.67 -19.20
C GLY A 130 -9.04 -0.69 -18.56
N PHE A 131 -9.58 -1.65 -19.31
CA PHE A 131 -9.78 -2.99 -18.81
C PHE A 131 -8.49 -3.77 -18.67
N GLN A 132 -7.39 -3.29 -19.27
CA GLN A 132 -6.15 -4.05 -19.19
C GLN A 132 -5.40 -3.80 -17.89
N SER A 133 -5.78 -2.77 -17.13
CA SER A 133 -5.18 -2.51 -15.84
C SER A 133 -5.38 -3.70 -14.91
N ARG A 134 -4.31 -4.08 -14.22
CA ARG A 134 -4.36 -5.27 -13.38
C ARG A 134 -5.21 -5.07 -12.13
N VAL A 135 -5.56 -3.82 -11.80
CA VAL A 135 -6.48 -3.58 -10.70
C VAL A 135 -7.87 -4.14 -11.01
N VAL A 136 -8.29 -4.07 -12.27
CA VAL A 136 -9.68 -4.30 -12.64
C VAL A 136 -9.88 -5.79 -12.84
N VAL A 137 -10.35 -6.47 -11.79
CA VAL A 137 -10.58 -7.91 -11.85
C VAL A 137 -12.05 -8.25 -11.90
N ALA A 138 -12.93 -7.26 -11.75
CA ALA A 138 -14.36 -7.50 -11.78
C ALA A 138 -15.02 -6.26 -12.36
N LEU A 139 -16.32 -6.35 -12.61
CA LEU A 139 -17.09 -5.20 -13.05
C LEU A 139 -18.49 -5.32 -12.46
N ALA A 140 -18.83 -4.42 -11.61
CA ALA A 140 -20.07 -4.30 -10.85
C ALA A 140 -21.03 -3.33 -11.55
N PRO A 141 -22.33 -3.48 -11.36
CA PRO A 141 -23.28 -2.60 -12.07
C PRO A 141 -23.17 -1.14 -11.66
N GLU A 142 -22.85 -0.87 -10.38
CA GLU A 142 -22.66 0.52 -9.96
C GLU A 142 -21.39 1.14 -10.52
N ASN A 143 -20.56 0.38 -11.26
CA ASN A 143 -19.38 0.96 -11.88
C ASN A 143 -19.73 1.87 -13.06
N HIS A 144 -20.84 1.61 -13.76
CA HIS A 144 -21.35 2.54 -14.76
C HIS A 144 -21.62 3.91 -14.13
N ILE A 145 -21.58 4.97 -14.96
CA ILE A 145 -21.70 6.33 -14.42
C ILE A 145 -23.00 6.55 -13.66
N ASP A 146 -24.04 5.76 -13.92
CA ASP A 146 -25.28 6.00 -13.21
C ASP A 146 -25.23 5.55 -11.74
N GLY A 147 -24.21 4.79 -11.34
CA GLY A 147 -24.06 4.39 -9.94
C GLY A 147 -25.15 3.50 -9.40
N ILE A 148 -25.91 2.85 -10.26
CA ILE A 148 -27.06 2.06 -9.89
C ILE A 148 -26.69 0.57 -9.85
N GLN A 149 -27.19 -0.15 -8.85
CA GLN A 149 -27.08 -1.60 -8.80
C GLN A 149 -28.43 -2.18 -8.41
N ARG A 150 -28.80 -3.26 -9.08
CA ARG A 150 -30.03 -3.99 -8.69
C ARG A 150 -29.60 -5.42 -8.40
N GLY A 151 -30.26 -6.07 -7.45
CA GLY A 151 -29.90 -7.41 -7.01
C GLY A 151 -29.82 -8.43 -8.12
N ASP A 152 -30.41 -8.16 -9.28
CA ASP A 152 -30.37 -9.09 -10.41
C ASP A 152 -29.45 -8.65 -11.54
N ASP A 153 -28.76 -7.50 -11.41
CA ASP A 153 -27.75 -7.12 -12.38
C ASP A 153 -26.61 -8.14 -12.39
N LEU A 154 -26.08 -8.43 -13.57
CA LEU A 154 -24.95 -9.35 -13.66
C LEU A 154 -23.67 -8.69 -13.17
N ILE A 155 -22.88 -9.46 -12.40
CA ILE A 155 -21.57 -9.03 -11.94
C ILE A 155 -20.55 -9.95 -12.60
N PHE A 156 -19.55 -9.34 -13.24
CA PHE A 156 -18.56 -10.08 -14.00
C PHE A 156 -17.28 -10.17 -13.19
N TYR A 157 -16.71 -11.38 -13.13
CA TYR A 157 -15.38 -11.62 -12.60
C TYR A 157 -14.50 -12.10 -13.74
N PHE A 158 -13.34 -11.47 -13.91
CA PHE A 158 -12.45 -11.81 -15.02
C PHE A 158 -11.50 -12.91 -14.60
N ILE A 159 -11.97 -14.15 -14.75
CA ILE A 159 -11.24 -15.31 -14.25
C ILE A 159 -9.81 -15.34 -14.78
N ASN A 160 -9.60 -14.90 -16.02
CA ASN A 160 -8.26 -14.97 -16.61
C ASN A 160 -7.26 -14.18 -15.79
N LYS A 161 -7.68 -13.06 -15.19
CA LYS A 161 -6.78 -12.30 -14.31
C LYS A 161 -6.52 -13.03 -13.00
N PHE A 162 -7.48 -13.82 -12.52
CA PHE A 162 -7.24 -14.60 -11.31
C PHE A 162 -6.33 -15.78 -11.60
N VAL A 163 -6.45 -16.37 -12.78
CA VAL A 163 -5.53 -17.43 -13.17
C VAL A 163 -4.11 -16.88 -13.22
N GLU A 164 -3.95 -15.69 -13.81
CA GLU A 164 -2.62 -15.10 -13.96
C GLU A 164 -1.98 -14.80 -12.61
N ARG A 165 -2.76 -14.21 -11.68
CA ARG A 165 -2.27 -13.92 -10.34
C ARG A 165 -1.93 -15.18 -9.57
N HIS A 166 -2.74 -16.24 -9.75
CA HIS A 166 -2.42 -17.50 -9.12
C HIS A 166 -1.11 -18.05 -9.62
N ASN A 167 -0.85 -17.90 -10.93
CA ASN A 167 0.38 -18.41 -11.53
C ASN A 167 1.59 -17.60 -11.10
N ARG A 168 1.47 -16.27 -11.11
CA ARG A 168 2.62 -15.41 -10.86
C ARG A 168 2.95 -15.28 -9.38
N ILE A 169 1.97 -15.47 -8.49
CA ILE A 169 2.16 -15.21 -7.07
C ILE A 169 1.86 -16.45 -6.22
N THR A 170 0.69 -17.05 -6.38
CA THR A 170 0.27 -18.07 -5.43
C THR A 170 1.12 -19.35 -5.53
N ARG A 171 1.40 -19.81 -6.75
CA ARG A 171 2.23 -21.01 -6.91
C ARG A 171 3.61 -20.82 -6.29
N LYS A 172 4.25 -19.68 -6.59
CA LYS A 172 5.54 -19.36 -5.99
C LYS A 172 5.46 -19.36 -4.46
N MET A 173 4.34 -18.91 -3.90
CA MET A 173 4.23 -18.86 -2.44
C MET A 173 3.97 -20.25 -1.86
N ILE A 174 3.20 -21.08 -2.57
CA ILE A 174 3.01 -22.46 -2.12
C ILE A 174 4.37 -23.15 -1.98
N ASP A 175 5.22 -23.04 -3.02
CA ASP A 175 6.52 -23.70 -2.98
C ASP A 175 7.39 -23.18 -1.84
N ALA A 176 7.32 -21.88 -1.55
CA ALA A 176 8.22 -21.27 -0.59
C ALA A 176 7.75 -21.40 0.86
N VAL A 177 6.44 -21.54 1.09
CA VAL A 177 5.89 -21.29 2.43
C VAL A 177 5.19 -22.52 3.01
N MET A 178 4.56 -23.35 2.17
CA MET A 178 3.82 -24.48 2.67
C MET A 178 4.69 -25.73 2.79
N ALA A 179 4.30 -26.60 3.72
CA ALA A 179 4.93 -27.90 3.81
C ALA A 179 4.61 -28.70 2.54
N GLU A 180 5.54 -29.56 2.14
CA GLU A 180 5.32 -30.49 1.04
C GLU A 180 4.02 -31.24 1.25
N GLY A 181 3.22 -31.35 0.18
CA GLY A 181 1.94 -32.00 0.24
C GLY A 181 0.76 -31.11 0.59
N SER A 182 0.98 -29.82 0.79
CA SER A 182 -0.07 -28.99 1.37
C SER A 182 -1.28 -28.87 0.44
N PHE A 183 -1.04 -28.66 -0.85
CA PHE A 183 -2.10 -28.48 -1.84
C PHE A 183 -1.83 -29.46 -2.98
N PRO A 184 -2.09 -30.75 -2.75
CA PRO A 184 -1.65 -31.74 -3.75
C PRO A 184 -2.41 -31.62 -5.06
N LEU A 185 -3.70 -31.31 -5.00
CA LEU A 185 -4.49 -31.19 -6.23
C LEU A 185 -4.06 -29.99 -7.07
N LEU A 186 -3.65 -28.90 -6.42
CA LEU A 186 -3.24 -27.68 -7.12
C LEU A 186 -1.84 -27.78 -7.71
N ARG A 187 -0.98 -28.63 -7.13
CA ARG A 187 0.39 -28.83 -7.61
C ARG A 187 0.36 -29.37 -9.04
N GLY A 188 0.97 -28.63 -9.96
CA GLY A 188 1.06 -29.05 -11.34
C GLY A 188 -0.17 -28.76 -12.19
N ALA A 189 -1.35 -28.63 -11.56
CA ALA A 189 -2.61 -28.37 -12.27
C ALA A 189 -2.44 -27.27 -13.32
N ASP A 190 -3.12 -27.44 -14.45
CA ASP A 190 -3.00 -26.51 -15.56
C ASP A 190 -4.01 -25.37 -15.43
N ASP A 191 -3.95 -24.45 -16.39
CA ASP A 191 -4.80 -23.28 -16.36
C ASP A 191 -6.28 -23.64 -16.41
N ARG A 192 -6.64 -24.70 -17.12
CA ARG A 192 -8.06 -25.05 -17.21
C ARG A 192 -8.59 -25.48 -15.85
N THR A 193 -7.76 -26.19 -15.07
CA THR A 193 -8.15 -26.63 -13.74
C THR A 193 -8.28 -25.46 -12.78
N VAL A 194 -7.27 -24.59 -12.74
CA VAL A 194 -7.29 -23.38 -11.92
C VAL A 194 -8.48 -22.50 -12.30
N GLU A 195 -8.66 -22.25 -13.59
CA GLU A 195 -9.80 -21.50 -14.13
C GLU A 195 -11.13 -22.00 -13.55
N GLN A 196 -11.32 -23.32 -13.54
CA GLN A 196 -12.56 -23.89 -13.07
C GLN A 196 -12.75 -23.66 -11.57
N ALA A 197 -11.72 -23.91 -10.78
CA ALA A 197 -11.78 -23.66 -9.35
C ALA A 197 -12.06 -22.19 -9.06
N SER A 198 -11.33 -21.30 -9.75
CA SER A 198 -11.56 -19.87 -9.61
C SER A 198 -13.01 -19.49 -9.86
N SER A 199 -13.60 -20.05 -10.92
CA SER A 199 -14.98 -19.71 -11.23
C SER A 199 -15.94 -20.25 -10.17
N TRP A 200 -15.64 -21.43 -9.61
CA TRP A 200 -16.36 -21.90 -8.43
C TRP A 200 -16.26 -20.87 -7.30
N TRP A 201 -15.03 -20.41 -7.06
CA TRP A 201 -14.78 -19.48 -5.96
C TRP A 201 -15.62 -18.22 -6.10
N VAL A 202 -15.62 -17.57 -7.27
CA VAL A 202 -16.37 -16.31 -7.37
C VAL A 202 -17.86 -16.56 -7.21
N ARG A 203 -18.35 -17.71 -7.68
CA ARG A 203 -19.78 -18.00 -7.57
C ARG A 203 -20.19 -18.13 -6.11
N LEU A 204 -19.43 -18.91 -5.35
CA LEU A 204 -19.71 -19.06 -3.93
C LEU A 204 -19.55 -17.75 -3.20
N HIS A 205 -18.53 -16.99 -3.58
CA HIS A 205 -18.22 -15.71 -2.98
C HIS A 205 -19.39 -14.74 -3.10
N GLU A 206 -19.91 -14.56 -4.32
CA GLU A 206 -21.04 -13.64 -4.52
C GLU A 206 -22.27 -14.13 -3.80
N TYR A 207 -22.59 -15.42 -3.95
CA TYR A 207 -23.72 -16.00 -3.23
C TYR A 207 -23.66 -15.62 -1.76
N HIS A 208 -22.54 -15.91 -1.11
CA HIS A 208 -22.46 -15.75 0.33
C HIS A 208 -22.43 -14.29 0.75
N HIS A 209 -22.04 -13.37 -0.14
CA HIS A 209 -22.20 -11.95 0.17
C HIS A 209 -23.63 -11.61 0.53
N ARG A 210 -24.61 -12.29 -0.08
CA ARG A 210 -26.03 -11.98 0.09
C ARG A 210 -26.66 -12.71 1.28
N GLN A 211 -25.94 -13.61 1.94
CA GLN A 211 -26.44 -14.41 3.05
C GLN A 211 -25.87 -13.90 4.37
N GLY A 212 -26.50 -14.34 5.47
CA GLY A 212 -26.06 -13.94 6.80
C GLY A 212 -26.93 -12.84 7.39
N ASP A 213 -26.52 -12.40 8.57
CA ASP A 213 -27.30 -11.42 9.34
C ASP A 213 -26.95 -9.98 9.02
N MET A 214 -25.83 -9.72 8.35
CA MET A 214 -25.53 -8.39 7.82
C MET A 214 -25.10 -8.47 6.37
N PRO A 215 -25.99 -8.94 5.48
CA PRO A 215 -25.61 -9.11 4.08
C PRO A 215 -25.40 -7.77 3.40
N ILE A 216 -24.63 -7.80 2.34
CA ILE A 216 -24.50 -6.63 1.48
C ILE A 216 -25.40 -6.87 0.29
N PRO A 217 -25.97 -5.81 -0.32
CA PRO A 217 -25.67 -4.42 0.00
C PRO A 217 -26.40 -3.81 1.22
N GLU A 218 -27.29 -4.53 1.91
CA GLU A 218 -28.04 -3.87 2.98
C GLU A 218 -27.12 -3.22 3.99
N PHE A 219 -26.03 -3.89 4.37
CA PHE A 219 -25.13 -3.38 5.38
C PHE A 219 -23.80 -2.93 4.80
N LEU A 220 -23.77 -2.60 3.51
CA LEU A 220 -22.53 -2.24 2.85
C LEU A 220 -21.80 -1.08 3.54
N ARG A 221 -22.53 -0.08 4.05
CA ARG A 221 -21.79 1.07 4.56
C ARG A 221 -21.17 0.82 5.94
N TYR A 222 -21.56 -0.25 6.61
CA TYR A 222 -20.88 -0.65 7.84
C TYR A 222 -19.67 -1.52 7.59
N LYS A 223 -19.48 -1.97 6.35
CA LYS A 223 -18.46 -2.93 6.01
C LYS A 223 -17.46 -2.33 5.02
N LYS A 224 -17.21 -1.03 5.14
CA LYS A 224 -16.22 -0.40 4.29
C LYS A 224 -15.02 0.12 5.04
N LEU A 225 -15.07 0.18 6.37
CA LEU A 225 -13.82 0.35 7.10
C LEU A 225 -12.85 -0.76 6.70
N LYS A 226 -11.59 -0.38 6.45
CA LYS A 226 -10.62 -1.32 5.86
C LYS A 226 -10.62 -2.69 6.54
N PRO A 227 -10.45 -2.82 7.86
CA PRO A 227 -10.48 -4.16 8.43
C PRO A 227 -11.82 -4.86 8.26
N LEU A 228 -12.92 -4.11 8.10
CA LEU A 228 -14.21 -4.78 8.01
C LEU A 228 -14.53 -5.21 6.59
N ALA A 229 -14.19 -4.39 5.59
CA ALA A 229 -14.30 -4.83 4.20
C ALA A 229 -13.50 -6.10 3.98
N GLY A 230 -12.28 -6.15 4.48
CA GLY A 230 -11.50 -7.38 4.38
C GLY A 230 -12.18 -8.53 5.09
N LEU A 231 -12.70 -8.27 6.29
CA LEU A 231 -13.32 -9.33 7.07
C LEU A 231 -14.56 -9.86 6.37
N GLU A 232 -15.27 -9.01 5.64
CA GLU A 232 -16.46 -9.47 4.91
C GLU A 232 -16.09 -10.36 3.73
N GLU A 233 -15.04 -9.99 2.98
CA GLU A 233 -14.50 -10.85 1.92
C GLU A 233 -14.09 -12.21 2.47
N LEU A 234 -13.47 -12.20 3.66
CA LEU A 234 -13.03 -13.44 4.28
C LEU A 234 -14.23 -14.27 4.76
N ARG A 235 -15.25 -13.60 5.28
CA ARG A 235 -16.44 -14.30 5.74
C ARG A 235 -17.06 -15.12 4.61
N VAL A 236 -17.17 -14.54 3.41
CA VAL A 236 -17.80 -15.28 2.33
C VAL A 236 -16.86 -16.34 1.76
N ASP A 237 -15.54 -16.12 1.81
CA ASP A 237 -14.60 -17.12 1.30
C ASP A 237 -14.45 -18.31 2.24
N VAL A 238 -14.51 -18.10 3.55
CA VAL A 238 -14.54 -19.25 4.45
C VAL A 238 -15.85 -20.02 4.26
N SER A 239 -16.97 -19.30 4.12
CA SER A 239 -18.24 -19.95 3.78
C SER A 239 -18.08 -20.81 2.54
N GLY A 240 -17.45 -20.25 1.49
CA GLY A 240 -17.23 -21.00 0.28
C GLY A 240 -16.34 -22.22 0.50
N MET A 241 -15.26 -22.04 1.28
CA MET A 241 -14.41 -23.18 1.63
C MET A 241 -15.23 -24.30 2.28
N LEU A 242 -16.09 -23.94 3.24
CA LEU A 242 -16.82 -24.96 3.99
C LEU A 242 -17.87 -25.65 3.13
N VAL A 243 -18.50 -24.90 2.21
CA VAL A 243 -19.40 -25.49 1.22
C VAL A 243 -18.65 -26.51 0.37
N CYS A 244 -17.42 -26.19 -0.04
CA CYS A 244 -16.65 -27.13 -0.83
C CYS A 244 -16.36 -28.42 -0.06
N LEU A 245 -16.24 -28.34 1.26
CA LEU A 245 -15.95 -29.49 2.08
C LEU A 245 -17.20 -30.27 2.45
N ASN A 246 -18.36 -29.61 2.57
CA ASN A 246 -19.52 -30.17 3.24
C ASN A 246 -20.67 -30.55 2.31
N ASP A 247 -20.81 -29.89 1.17
CA ASP A 247 -21.93 -30.17 0.26
C ASP A 247 -21.61 -31.42 -0.54
N PRO A 248 -22.34 -32.52 -0.31
CA PRO A 248 -22.02 -33.78 -1.00
C PRO A 248 -22.53 -33.82 -2.41
N GLU A 249 -23.46 -32.94 -2.77
CA GLU A 249 -24.00 -32.91 -4.11
C GLU A 249 -23.07 -32.26 -5.12
N LEU A 250 -21.90 -31.73 -4.66
CA LEU A 250 -20.85 -31.19 -5.52
C LEU A 250 -19.88 -32.31 -5.89
N PRO A 251 -19.46 -32.41 -7.14
CA PRO A 251 -18.46 -33.43 -7.51
C PRO A 251 -17.23 -33.33 -6.62
N ALA A 252 -16.86 -34.47 -6.03
CA ALA A 252 -15.88 -34.49 -4.95
C ALA A 252 -14.51 -33.97 -5.41
N ASP A 253 -14.03 -34.44 -6.55
CA ASP A 253 -12.72 -34.00 -7.06
C ASP A 253 -12.72 -32.50 -7.37
N GLU A 254 -13.79 -31.99 -7.99
CA GLU A 254 -13.86 -30.56 -8.30
C GLU A 254 -14.02 -29.71 -7.04
N ALA A 255 -14.79 -30.20 -6.06
CA ALA A 255 -15.01 -29.46 -4.83
C ALA A 255 -13.75 -29.37 -3.99
N ARG A 256 -12.95 -30.44 -3.96
CA ARG A 256 -11.71 -30.43 -3.18
C ARG A 256 -10.71 -29.50 -3.83
N LEU A 257 -10.67 -29.48 -5.16
CA LEU A 257 -9.82 -28.57 -5.89
C LEU A 257 -10.16 -27.12 -5.55
N ALA A 258 -11.46 -26.79 -5.54
CA ALA A 258 -11.88 -25.41 -5.27
C ALA A 258 -11.55 -25.03 -3.84
N TYR A 259 -11.75 -25.96 -2.92
CA TYR A 259 -11.31 -25.75 -1.54
C TYR A 259 -9.85 -25.37 -1.49
N GLU A 260 -8.98 -26.22 -2.08
CA GLU A 260 -7.55 -25.91 -2.14
C GLU A 260 -7.30 -24.51 -2.68
N TYR A 261 -8.01 -24.17 -3.76
CA TYR A 261 -7.80 -22.88 -4.40
C TYR A 261 -8.16 -21.73 -3.46
N ILE A 262 -9.37 -21.77 -2.86
CA ILE A 262 -9.78 -20.67 -1.99
C ILE A 262 -8.85 -20.56 -0.78
N LEU A 263 -8.49 -21.69 -0.17
CA LEU A 263 -7.60 -21.66 0.98
C LEU A 263 -6.24 -21.09 0.61
N SER A 264 -5.63 -21.60 -0.46
CA SER A 264 -4.31 -21.13 -0.87
C SER A 264 -4.33 -19.64 -1.19
N GLU A 265 -5.42 -19.15 -1.79
CA GLU A 265 -5.48 -17.73 -2.11
C GLU A 265 -5.58 -16.88 -0.85
N ARG A 266 -6.40 -17.31 0.12
CA ARG A 266 -6.61 -16.51 1.31
C ARG A 266 -5.44 -16.63 2.27
N LEU A 267 -4.81 -17.79 2.32
CA LEU A 267 -3.69 -17.99 3.22
C LEU A 267 -2.40 -17.38 2.69
N LEU A 268 -2.23 -17.30 1.38
CA LEU A 268 -0.98 -16.80 0.82
C LEU A 268 -1.18 -15.50 0.05
N ARG A 269 -1.80 -15.53 -1.14
CA ARG A 269 -1.73 -14.38 -2.03
C ARG A 269 -2.34 -13.13 -1.39
N TYR A 270 -3.51 -13.28 -0.78
CA TYR A 270 -4.14 -12.08 -0.21
C TYR A 270 -3.38 -11.60 1.01
N ALA A 271 -2.72 -12.52 1.72
CA ALA A 271 -2.04 -12.18 2.96
C ALA A 271 -0.84 -11.25 2.76
N VAL A 272 -0.32 -11.12 1.54
CA VAL A 272 0.83 -10.26 1.30
C VAL A 272 0.47 -8.99 0.53
N GLU A 273 -0.82 -8.76 0.23
CA GLU A 273 -1.18 -7.61 -0.59
C GLU A 273 -1.03 -6.27 0.14
N GLY A 274 -0.53 -5.30 -0.59
CA GLY A 274 -0.38 -3.94 -0.09
C GLY A 274 1.04 -3.56 0.32
N ILE A 275 1.50 -2.40 -0.13
CA ILE A 275 2.80 -1.84 0.23
C ILE A 275 2.61 -0.37 0.57
N PRO A 276 3.15 0.14 1.69
CA PRO A 276 3.89 -0.57 2.75
C PRO A 276 2.96 -1.31 3.73
N ARG A 277 1.72 -0.84 3.86
CA ARG A 277 0.77 -1.45 4.77
C ARG A 277 -0.10 -2.46 4.05
N PRO A 278 -0.62 -3.46 4.78
CA PRO A 278 -1.58 -4.40 4.18
C PRO A 278 -2.85 -3.69 3.74
N ASN A 279 -3.40 -4.12 2.61
CA ASN A 279 -4.72 -3.65 2.19
C ASN A 279 -5.81 -4.39 2.99
N TYR A 280 -7.08 -4.16 2.66
CA TYR A 280 -8.16 -4.77 3.43
C TYR A 280 -8.11 -6.30 3.37
N ASP A 281 -7.87 -6.87 2.19
CA ASP A 281 -7.82 -8.33 2.08
C ASP A 281 -6.69 -8.90 2.93
N ALA A 282 -5.53 -8.25 2.95
CA ALA A 282 -4.39 -8.77 3.68
C ALA A 282 -4.64 -8.77 5.20
N VAL A 283 -5.25 -7.70 5.73
CA VAL A 283 -5.59 -7.65 7.15
C VAL A 283 -6.45 -8.86 7.53
N ALA A 284 -7.48 -9.14 6.74
CA ALA A 284 -8.38 -10.25 7.04
C ALA A 284 -7.65 -11.58 6.92
N SER A 285 -6.78 -11.70 5.92
CA SER A 285 -6.01 -12.92 5.73
C SER A 285 -5.04 -13.15 6.88
N GLN A 286 -4.46 -12.08 7.41
CA GLN A 286 -3.55 -12.21 8.54
C GLN A 286 -4.31 -12.54 9.81
N LEU A 287 -5.50 -11.94 9.99
CA LEU A 287 -6.42 -12.41 11.02
C LEU A 287 -6.68 -13.91 10.93
N LEU A 288 -6.96 -14.40 9.72
CA LEU A 288 -7.18 -15.84 9.53
C LEU A 288 -5.93 -16.62 9.92
N PHE A 289 -4.77 -16.22 9.37
CA PHE A 289 -3.51 -16.88 9.67
C PHE A 289 -3.32 -17.02 11.18
N ASN A 290 -3.39 -15.90 11.90
CA ASN A 290 -3.10 -15.94 13.32
C ASN A 290 -4.20 -16.68 14.09
N TYR A 291 -5.46 -16.57 13.65
CA TYR A 291 -6.51 -17.34 14.29
C TYR A 291 -6.27 -18.83 14.10
N LEU A 292 -5.95 -19.25 12.88
CA LEU A 292 -5.68 -20.66 12.66
C LEU A 292 -4.49 -21.13 13.48
N SER A 293 -3.45 -20.30 13.60
CA SER A 293 -2.28 -20.71 14.38
C SER A 293 -2.63 -20.90 15.84
N GLU A 294 -3.35 -19.94 16.43
CA GLU A 294 -3.67 -19.99 17.86
C GLU A 294 -4.70 -21.05 18.20
N HIS A 295 -5.48 -21.53 17.22
CA HIS A 295 -6.59 -22.42 17.52
C HIS A 295 -6.40 -23.81 16.95
N GLY A 296 -5.22 -24.13 16.43
CA GLY A 296 -4.90 -25.48 16.05
C GLY A 296 -5.30 -25.87 14.67
N GLY A 297 -5.54 -24.90 13.78
CA GLY A 297 -5.87 -25.23 12.41
C GLY A 297 -4.65 -25.37 11.52
N ILE A 298 -3.59 -24.65 11.85
CA ILE A 298 -2.32 -24.73 11.13
C ILE A 298 -1.21 -24.68 12.16
N GLU A 299 0.01 -25.04 11.73
CA GLU A 299 1.19 -24.99 12.60
C GLU A 299 2.37 -24.48 11.79
N LEU A 300 3.28 -23.75 12.47
CA LEU A 300 4.51 -23.22 11.85
C LEU A 300 5.69 -24.02 12.37
N HIS A 301 6.29 -24.80 11.49
CA HIS A 301 7.54 -25.51 11.77
C HIS A 301 8.61 -24.81 10.95
N GLY A 302 9.41 -24.00 11.63
CA GLY A 302 10.51 -23.32 10.98
C GLY A 302 10.08 -22.42 9.85
N GLY A 303 9.07 -21.59 10.09
CA GLY A 303 8.59 -20.68 9.06
C GLY A 303 7.92 -21.33 7.88
N VAL A 304 7.57 -22.61 7.97
CA VAL A 304 6.79 -23.29 6.93
C VAL A 304 5.44 -23.68 7.52
N ILE A 305 4.37 -23.51 6.74
CA ILE A 305 3.01 -23.73 7.20
C ILE A 305 2.59 -25.17 6.97
N ARG A 306 2.14 -25.83 8.02
CA ARG A 306 1.49 -27.13 7.93
C ARG A 306 0.00 -26.95 8.15
N LEU A 307 -0.81 -27.40 7.19
CA LEU A 307 -2.25 -27.44 7.36
C LEU A 307 -2.62 -28.64 8.24
N CYS A 308 -3.35 -28.37 9.33
CA CYS A 308 -3.67 -29.49 10.22
C CYS A 308 -4.83 -30.31 9.68
N PRO A 309 -4.90 -31.59 10.05
CA PRO A 309 -6.07 -32.39 9.70
C PRO A 309 -7.35 -31.86 10.33
N GLU A 310 -7.24 -31.14 11.44
CA GLU A 310 -8.38 -30.54 12.11
C GLU A 310 -8.77 -29.20 11.51
N LEU A 311 -8.07 -28.74 10.46
CA LEU A 311 -8.38 -27.45 9.85
C LEU A 311 -9.84 -27.28 9.48
N PRO A 312 -10.54 -28.26 8.89
CA PRO A 312 -11.97 -28.02 8.60
C PRO A 312 -12.76 -27.63 9.85
N ALA A 313 -12.52 -28.29 10.98
CA ALA A 313 -13.22 -27.94 12.22
C ALA A 313 -12.85 -26.54 12.71
N VAL A 314 -11.58 -26.13 12.55
CA VAL A 314 -11.21 -24.80 13.02
C VAL A 314 -11.80 -23.71 12.10
N LEU A 315 -11.92 -23.99 10.79
CA LEU A 315 -12.56 -23.04 9.88
C LEU A 315 -14.02 -22.82 10.25
N THR A 316 -14.74 -23.90 10.56
CA THR A 316 -16.15 -23.84 10.99
C THR A 316 -16.24 -23.00 12.27
N GLU A 317 -15.38 -23.31 13.24
CA GLU A 317 -15.28 -22.48 14.44
C GLU A 317 -15.09 -21.00 14.10
N PHE A 318 -14.19 -20.71 13.15
CA PHE A 318 -13.89 -19.33 12.79
C PHE A 318 -15.12 -18.64 12.21
N LEU A 319 -15.80 -19.30 11.27
CA LEU A 319 -16.98 -18.72 10.69
C LEU A 319 -18.08 -18.58 11.74
N ASP A 320 -18.21 -19.58 12.62
CA ASP A 320 -19.18 -19.49 13.71
C ASP A 320 -18.95 -18.27 14.57
N ARG A 321 -17.68 -17.93 14.82
CA ARG A 321 -17.37 -16.77 15.64
C ARG A 321 -17.79 -15.49 14.95
N ILE A 322 -17.51 -15.37 13.65
CA ILE A 322 -17.96 -14.20 12.91
C ILE A 322 -19.48 -14.10 12.93
N GLN A 323 -20.15 -15.24 12.82
CA GLN A 323 -21.60 -15.25 12.79
C GLN A 323 -22.21 -14.93 14.15
N ARG A 324 -21.53 -15.30 15.24
CA ARG A 324 -21.98 -14.89 16.57
C ARG A 324 -21.88 -13.38 16.75
N ILE A 325 -20.81 -12.76 16.24
CA ILE A 325 -20.69 -11.30 16.35
C ILE A 325 -21.78 -10.64 15.54
N GLU A 326 -21.93 -11.04 14.27
CA GLU A 326 -22.91 -10.44 13.40
C GLU A 326 -24.33 -10.65 13.90
N GLN A 327 -24.60 -11.81 14.53
CA GLN A 327 -25.94 -12.13 14.99
C GLN A 327 -26.49 -11.07 15.94
N ARG A 328 -25.63 -10.41 16.72
CA ARG A 328 -26.09 -9.39 17.67
C ARG A 328 -26.66 -8.14 16.98
N ILE A 329 -26.68 -8.10 15.64
CA ILE A 329 -27.36 -7.01 14.96
C ILE A 329 -28.83 -6.96 15.38
N HIS A 330 -29.40 -8.09 15.77
CA HIS A 330 -30.81 -8.16 16.10
C HIS A 330 -31.13 -7.59 17.47
N THR A 331 -30.10 -7.26 18.27
CA THR A 331 -30.31 -6.73 19.61
C THR A 331 -29.42 -5.55 19.95
N THR A 332 -28.48 -5.16 19.09
CA THR A 332 -27.58 -4.05 19.33
C THR A 332 -27.50 -3.21 18.06
N SER A 333 -26.79 -2.10 18.11
CA SER A 333 -26.71 -1.28 16.91
C SER A 333 -25.69 -1.85 15.92
N ALA A 334 -25.85 -1.50 14.64
CA ALA A 334 -24.82 -1.85 13.66
C ALA A 334 -23.47 -1.25 14.03
N GLU A 335 -23.49 -0.10 14.72
CA GLU A 335 -22.27 0.49 15.26
C GLU A 335 -21.64 -0.39 16.33
N GLU A 336 -22.47 -1.07 17.12
CA GLU A 336 -21.93 -1.92 18.17
C GLU A 336 -21.31 -3.18 17.60
N VAL A 337 -22.01 -3.84 16.66
CA VAL A 337 -21.45 -5.00 15.98
C VAL A 337 -20.13 -4.62 15.31
N GLN A 338 -20.06 -3.42 14.70
CA GLN A 338 -18.82 -2.96 14.06
C GLN A 338 -17.66 -2.95 15.05
N GLN A 339 -17.87 -2.37 16.22
CA GLN A 339 -16.81 -2.31 17.22
C GLN A 339 -16.36 -3.70 17.63
N ASN A 340 -17.31 -4.64 17.72
CA ASN A 340 -16.99 -6.02 18.05
C ASN A 340 -16.29 -6.71 16.89
N LEU A 341 -16.73 -6.46 15.66
CA LEU A 341 -15.98 -6.99 14.52
C LEU A 341 -14.54 -6.47 14.52
N LEU A 342 -14.33 -5.22 14.94
CA LEU A 342 -12.98 -4.64 14.99
C LEU A 342 -12.16 -5.26 16.12
N GLU A 343 -12.77 -5.42 17.29
CA GLU A 343 -12.06 -5.97 18.44
C GLU A 343 -11.56 -7.38 18.14
N PHE A 344 -12.43 -8.20 17.55
CA PHE A 344 -12.02 -9.52 17.05
C PHE A 344 -10.84 -9.41 16.10
N THR A 345 -10.95 -8.55 15.09
CA THR A 345 -9.89 -8.43 14.09
C THR A 345 -8.56 -8.08 14.74
N ASN A 346 -8.57 -7.06 15.61
CA ASN A 346 -7.35 -6.55 16.19
C ASN A 346 -6.69 -7.52 17.15
N ARG A 347 -7.42 -8.51 17.66
CA ARG A 347 -6.77 -9.53 18.49
C ARG A 347 -5.79 -10.40 17.69
N TYR A 348 -5.97 -10.51 16.38
CA TYR A 348 -5.15 -11.41 15.58
C TYR A 348 -4.36 -10.68 14.52
N THR A 349 -4.38 -9.35 14.51
CA THR A 349 -3.68 -8.57 13.52
C THR A 349 -2.75 -7.60 14.22
N ASP A 350 -1.86 -7.00 13.45
CA ASP A 350 -0.91 -6.03 14.00
C ASP A 350 -1.47 -4.64 13.80
N TYR A 351 -2.32 -4.23 14.76
CA TYR A 351 -2.99 -2.94 14.74
C TYR A 351 -2.16 -1.93 15.54
N ASP A 352 -1.83 -0.82 14.91
CA ASP A 352 -1.10 0.26 15.54
C ASP A 352 -2.11 1.27 16.05
N PRO A 353 -2.38 1.33 17.36
CA PRO A 353 -3.42 2.23 17.88
C PRO A 353 -3.15 3.71 17.65
N ASP A 354 -1.89 4.12 17.53
CA ASP A 354 -1.61 5.55 17.34
C ASP A 354 -1.78 5.96 15.89
N ALA A 355 -1.36 5.11 14.94
CA ALA A 355 -1.61 5.39 13.54
C ALA A 355 -3.06 5.10 13.15
N LYS A 356 -3.74 4.23 13.90
CA LYS A 356 -5.07 3.74 13.55
C LYS A 356 -5.04 3.06 12.19
N ASP A 357 -4.12 2.14 12.04
CA ASP A 357 -3.88 1.43 10.79
C ASP A 357 -3.03 0.20 11.11
N TYR A 358 -2.86 -0.65 10.11
CA TYR A 358 -2.28 -1.99 10.31
C TYR A 358 -0.91 -2.10 9.68
N ARG A 359 -0.04 -2.87 10.32
CA ARG A 359 1.22 -3.33 9.75
C ARG A 359 1.09 -4.80 9.37
N HIS A 360 1.85 -5.19 8.34
CA HIS A 360 1.94 -6.60 8.01
C HIS A 360 2.49 -7.36 9.22
N ILE A 361 1.83 -8.45 9.61
CA ILE A 361 2.39 -9.26 10.70
C ILE A 361 3.78 -9.73 10.26
N PRO A 362 4.72 -9.92 11.20
CA PRO A 362 6.12 -10.14 10.81
C PRO A 362 6.32 -11.35 9.91
N PHE A 363 5.54 -12.41 10.13
CA PHE A 363 5.62 -13.58 9.27
C PHE A 363 5.47 -13.21 7.80
N PHE A 364 4.49 -12.35 7.47
CA PHE A 364 4.25 -12.03 6.06
C PHE A 364 5.15 -10.89 5.56
N ALA A 365 5.57 -9.98 6.43
CA ALA A 365 6.56 -8.98 6.04
C ALA A 365 7.85 -9.64 5.57
N GLU A 366 8.26 -10.71 6.26
CA GLU A 366 9.48 -11.41 5.89
C GLU A 366 9.32 -12.11 4.54
N ILE A 367 8.14 -12.66 4.27
CA ILE A 367 7.89 -13.28 2.97
C ILE A 367 7.81 -12.23 1.87
N LYS A 368 7.22 -11.07 2.15
CA LYS A 368 7.27 -9.97 1.18
C LYS A 368 8.72 -9.66 0.80
N GLU A 369 9.57 -9.45 1.80
CA GLU A 369 11.00 -9.20 1.55
C GLU A 369 11.64 -10.37 0.80
N ARG A 370 11.32 -11.59 1.20
CA ARG A 370 12.00 -12.78 0.68
C ARG A 370 11.66 -13.01 -0.79
N LEU A 371 10.39 -12.90 -1.16
CA LEU A 371 9.93 -13.28 -2.48
C LEU A 371 9.63 -12.09 -3.36
N GLY A 372 9.63 -10.87 -2.82
CA GLY A 372 9.16 -9.74 -3.57
C GLY A 372 7.71 -9.92 -3.98
N VAL A 373 6.82 -10.16 -3.01
CA VAL A 373 5.38 -10.26 -3.28
C VAL A 373 4.60 -9.21 -2.46
N SER B 4 37.15 -9.68 2.98
CA SER B 4 37.73 -8.59 3.74
C SER B 4 37.65 -8.95 5.23
N PRO B 5 38.46 -8.32 6.09
CA PRO B 5 38.14 -8.37 7.53
C PRO B 5 36.74 -7.87 7.83
N THR B 6 36.26 -6.86 7.08
CA THR B 6 34.89 -6.39 7.21
C THR B 6 33.90 -7.38 6.63
N ALA B 7 34.19 -7.92 5.44
CA ALA B 7 33.34 -8.94 4.85
C ALA B 7 33.18 -10.13 5.80
N ALA B 8 34.26 -10.51 6.48
CA ALA B 8 34.19 -11.66 7.38
C ALA B 8 33.40 -11.34 8.62
N VAL B 9 33.42 -10.08 9.08
CA VAL B 9 32.61 -9.67 10.22
C VAL B 9 31.13 -9.78 9.87
N ILE B 10 30.75 -9.26 8.71
CA ILE B 10 29.33 -9.24 8.34
C ILE B 10 28.85 -10.66 8.03
N ALA B 11 29.69 -11.46 7.37
CA ALA B 11 29.37 -12.87 7.16
C ALA B 11 28.95 -13.53 8.48
N GLU B 12 29.67 -13.24 9.56
CA GLU B 12 29.35 -13.86 10.85
C GLU B 12 28.10 -13.26 11.46
N VAL B 13 27.84 -11.97 11.25
CA VAL B 13 26.59 -11.36 11.71
C VAL B 13 25.38 -12.01 11.03
N ASP B 14 25.40 -12.03 9.69
CA ASP B 14 24.31 -12.64 8.93
C ASP B 14 23.97 -14.04 9.43
N GLU B 15 24.98 -14.90 9.59
CA GLU B 15 24.76 -16.24 10.10
C GLU B 15 24.05 -16.22 11.45
N LEU B 16 24.48 -15.34 12.35
CA LEU B 16 23.83 -15.21 13.69
C LEU B 16 22.41 -14.68 13.51
N ARG B 17 22.23 -13.60 12.76
CA ARG B 17 20.90 -13.16 12.37
C ARG B 17 20.02 -14.35 11.99
N GLU B 18 20.54 -15.21 11.10
CA GLU B 18 19.79 -16.37 10.64
C GLU B 18 19.41 -17.31 11.78
N LYS B 19 20.29 -17.46 12.77
CA LYS B 19 19.97 -18.33 13.90
C LYS B 19 18.82 -17.78 14.74
N ILE B 20 18.77 -16.45 14.95
CA ILE B 20 17.79 -15.86 15.86
C ILE B 20 16.53 -15.38 15.12
N LYS B 21 16.40 -15.69 13.83
CA LYS B 21 15.29 -15.17 13.02
C LYS B 21 13.94 -15.49 13.63
N GLY B 22 13.79 -16.68 14.21
CA GLY B 22 12.53 -17.05 14.81
C GLY B 22 12.35 -16.63 16.25
N SER B 23 13.19 -15.73 16.77
CA SER B 23 13.24 -15.52 18.22
C SER B 23 12.93 -14.08 18.64
N ARG B 24 12.17 -13.31 17.85
CA ARG B 24 11.94 -11.90 18.21
C ARG B 24 11.14 -11.77 19.50
N ASN B 25 10.33 -12.77 19.85
CA ASN B 25 9.64 -12.69 21.12
C ASN B 25 10.58 -12.87 22.31
N SER B 26 11.81 -13.29 22.07
CA SER B 26 12.80 -13.52 23.13
C SER B 26 13.91 -12.49 23.14
N PHE B 27 13.79 -11.41 22.37
CA PHE B 27 14.88 -10.45 22.21
C PHE B 27 15.21 -9.67 23.48
N ARG B 28 14.43 -9.84 24.55
CA ARG B 28 14.71 -9.16 25.80
C ARG B 28 14.80 -10.14 26.98
N ASP B 29 14.67 -11.43 26.73
CA ASP B 29 14.79 -12.43 27.78
C ASP B 29 16.27 -12.65 28.05
N GLN B 30 16.65 -12.61 29.33
CA GLN B 30 18.08 -12.63 29.64
C GLN B 30 18.72 -13.93 29.21
N SER B 31 17.99 -15.04 29.31
CA SER B 31 18.56 -16.30 28.85
C SER B 31 18.91 -16.22 27.38
N PHE B 32 18.02 -15.64 26.58
CA PHE B 32 18.35 -15.43 25.16
C PHE B 32 19.56 -14.53 25.00
N LEU B 33 19.53 -13.35 25.65
CA LEU B 33 20.61 -12.38 25.45
C LEU B 33 21.94 -12.94 25.91
N ASP B 34 21.95 -13.73 26.99
CA ASP B 34 23.17 -14.39 27.44
C ASP B 34 23.78 -15.23 26.33
N GLN B 35 22.97 -16.12 25.73
CA GLN B 35 23.49 -16.95 24.64
C GLN B 35 23.91 -16.11 23.44
N LEU B 36 23.09 -15.11 23.09
CA LEU B 36 23.44 -14.24 21.97
C LEU B 36 24.76 -13.52 22.21
N ALA B 37 24.94 -12.98 23.43
CA ALA B 37 26.20 -12.33 23.78
C ALA B 37 27.39 -13.27 23.65
N GLN B 38 27.25 -14.52 24.12
CA GLN B 38 28.33 -15.48 23.99
C GLN B 38 28.69 -15.71 22.53
N HIS B 39 27.69 -15.97 21.69
CA HIS B 39 27.95 -16.20 20.28
C HIS B 39 28.64 -15.00 19.65
N ILE B 40 28.21 -13.78 20.00
CA ILE B 40 28.90 -12.59 19.50
C ILE B 40 30.35 -12.58 19.97
N ALA B 41 30.57 -12.77 21.27
CA ALA B 41 31.94 -12.74 21.80
C ALA B 41 32.82 -13.76 21.11
N ASP B 42 32.25 -14.92 20.76
CA ASP B 42 32.97 -16.04 20.17
C ASP B 42 33.14 -15.93 18.67
N ALA B 43 32.58 -14.93 18.01
CA ALA B 43 32.76 -14.83 16.58
C ALA B 43 34.21 -14.47 16.27
N PRO B 44 34.94 -15.30 15.52
CA PRO B 44 36.39 -15.06 15.32
C PRO B 44 36.76 -13.64 14.91
N HIS B 45 35.99 -13.04 14.01
CA HIS B 45 36.26 -11.69 13.56
C HIS B 45 35.33 -10.67 14.21
N LEU B 46 34.01 -10.96 14.25
CA LEU B 46 33.05 -10.00 14.79
C LEU B 46 33.31 -9.71 16.27
N GLY B 47 33.65 -10.74 17.05
CA GLY B 47 33.79 -10.54 18.49
C GLY B 47 34.95 -9.64 18.89
N ARG B 48 35.92 -9.44 18.00
CA ARG B 48 37.06 -8.60 18.30
C ARG B 48 36.86 -7.13 17.92
N GLN B 49 35.71 -6.80 17.33
CA GLN B 49 35.40 -5.40 17.06
C GLN B 49 35.08 -4.67 18.36
N PRO B 50 35.61 -3.45 18.56
CA PRO B 50 35.26 -2.71 19.77
C PRO B 50 33.77 -2.48 19.93
N ILE B 51 33.08 -2.14 18.84
CA ILE B 51 31.62 -2.01 18.90
C ILE B 51 30.96 -3.31 19.39
N ALA B 52 31.53 -4.47 19.03
CA ALA B 52 30.93 -5.74 19.45
C ALA B 52 31.19 -6.00 20.93
N ARG B 53 32.40 -5.69 21.42
CA ARG B 53 32.63 -5.71 22.86
C ARG B 53 31.56 -4.90 23.59
N ALA B 54 31.19 -3.75 23.01
CA ALA B 54 30.19 -2.89 23.64
C ALA B 54 28.83 -3.57 23.67
N LEU B 55 28.42 -4.14 22.53
CA LEU B 55 27.11 -4.78 22.51
C LEU B 55 27.06 -5.93 23.49
N VAL B 56 28.07 -6.81 23.46
CA VAL B 56 28.14 -7.95 24.37
C VAL B 56 27.92 -7.49 25.80
N GLU B 57 28.53 -6.36 26.14
CA GLU B 57 28.46 -5.82 27.50
C GLU B 57 27.05 -5.31 27.83
N ASP B 58 26.46 -4.51 26.93
CA ASP B 58 25.10 -4.00 27.16
C ASP B 58 24.08 -5.12 27.27
N LEU B 59 24.26 -6.17 26.46
CA LEU B 59 23.30 -7.26 26.46
C LEU B 59 23.42 -8.07 27.75
N ARG B 60 24.63 -8.51 28.11
CA ARG B 60 24.83 -9.26 29.34
C ARG B 60 24.33 -8.49 30.56
N GLY B 61 24.37 -7.15 30.52
CA GLY B 61 23.84 -6.35 31.60
C GLY B 61 22.37 -6.00 31.51
N TYR B 62 21.66 -6.48 30.49
CA TYR B 62 20.34 -5.92 30.17
C TYR B 62 19.32 -6.17 31.26
N ALA B 63 19.48 -7.23 32.05
CA ALA B 63 18.51 -7.56 33.09
C ALA B 63 18.41 -6.45 34.15
N SER B 64 19.53 -5.81 34.49
CA SER B 64 19.48 -4.73 35.47
C SER B 64 19.28 -3.36 34.82
N GLU B 65 19.97 -3.10 33.70
CA GLU B 65 19.81 -1.83 32.98
C GLU B 65 19.39 -2.13 31.54
N PRO B 66 18.08 -2.06 31.22
CA PRO B 66 17.59 -2.32 29.84
C PRO B 66 17.84 -1.12 28.93
N ARG B 67 19.09 -0.99 28.49
CA ARG B 67 19.46 -0.03 27.46
C ARG B 67 20.85 -0.37 26.95
N LEU B 68 21.13 0.12 25.75
CA LEU B 68 22.36 -0.23 25.03
C LEU B 68 23.37 0.92 25.14
N ALA B 69 23.71 1.25 26.39
CA ALA B 69 24.45 2.46 26.68
C ALA B 69 25.84 2.45 26.03
N ALA B 70 26.58 1.36 26.20
CA ALA B 70 27.92 1.30 25.63
C ALA B 70 27.88 1.29 24.11
N VAL B 71 26.87 0.65 23.52
CA VAL B 71 26.73 0.68 22.07
C VAL B 71 26.47 2.10 21.62
N LYS B 72 25.51 2.78 22.26
CA LYS B 72 25.09 4.09 21.80
C LYS B 72 26.16 5.15 22.07
N ALA B 73 26.97 4.95 23.12
CA ALA B 73 28.09 5.86 23.37
C ALA B 73 29.16 5.73 22.30
N HIS B 74 29.53 4.50 21.94
CA HIS B 74 30.46 4.28 20.85
C HIS B 74 29.96 4.94 19.55
N ILE B 75 28.67 4.72 19.23
CA ILE B 75 28.11 5.26 17.99
C ILE B 75 28.03 6.78 18.05
N ASN B 76 27.50 7.32 19.15
CA ASN B 76 27.33 8.76 19.29
C ASN B 76 28.67 9.48 19.32
N GLU B 77 29.72 8.84 19.81
CA GLU B 77 31.03 9.46 19.82
C GLU B 77 31.82 9.20 18.54
N GLU B 78 31.26 8.46 17.59
CA GLU B 78 31.92 8.21 16.29
C GLU B 78 33.32 7.66 16.48
N ARG B 79 33.46 6.70 17.41
CA ARG B 79 34.76 6.08 17.66
C ARG B 79 35.30 5.44 16.41
N ASP B 80 34.41 5.02 15.53
CA ASP B 80 34.70 4.50 14.21
C ASP B 80 33.40 4.57 13.43
N GLN B 81 33.43 4.10 12.19
CA GLN B 81 32.23 4.18 11.35
C GLN B 81 31.50 2.85 11.30
N HIS B 82 31.45 2.13 12.41
CA HIS B 82 30.77 0.84 12.46
C HIS B 82 29.55 0.93 13.37
N ILE B 83 28.46 0.34 12.92
CA ILE B 83 27.21 0.30 13.68
C ILE B 83 26.82 -1.15 13.85
N PHE B 84 26.44 -1.52 15.06
CA PHE B 84 26.13 -2.91 15.37
C PHE B 84 25.29 -2.92 16.63
N SER B 85 24.14 -3.56 16.56
CA SER B 85 23.23 -3.57 17.70
C SER B 85 22.14 -4.62 17.44
N LEU B 86 21.24 -4.73 18.41
CA LEU B 86 20.04 -5.55 18.27
C LEU B 86 18.86 -4.60 18.20
N PHE B 87 18.14 -4.65 17.08
CA PHE B 87 17.11 -3.68 16.78
C PHE B 87 15.73 -4.28 16.90
N ASP B 88 14.77 -3.43 17.22
CA ASP B 88 13.34 -3.77 17.20
C ASP B 88 12.61 -2.49 16.77
N ALA B 89 12.35 -2.37 15.48
CA ALA B 89 11.69 -1.21 14.91
C ALA B 89 10.54 -1.72 14.07
N SER B 90 9.30 -1.51 14.53
CA SER B 90 8.18 -2.24 13.91
C SER B 90 7.95 -1.82 12.46
N TYR B 91 8.38 -0.62 12.07
CA TYR B 91 8.26 -0.18 10.69
C TYR B 91 9.49 -0.52 9.86
N PHE B 92 10.54 -1.06 10.49
CA PHE B 92 11.71 -1.62 9.81
C PHE B 92 11.81 -3.09 10.20
N PRO B 93 10.83 -3.92 9.83
CA PRO B 93 10.76 -5.29 10.38
C PRO B 93 11.92 -6.16 10.00
N SER B 94 12.75 -5.76 9.04
CA SER B 94 13.87 -6.61 8.63
C SER B 94 15.03 -6.55 9.60
N LEU B 95 15.02 -5.60 10.54
CA LEU B 95 16.17 -5.34 11.40
C LEU B 95 16.10 -6.20 12.66
N SER B 96 17.05 -7.14 12.81
CA SER B 96 17.20 -7.89 14.05
C SER B 96 18.60 -7.61 14.58
N LEU B 97 19.54 -8.55 14.43
CA LEU B 97 20.94 -8.31 14.71
C LEU B 97 21.61 -7.81 13.43
N GLU B 98 22.08 -6.56 13.42
CA GLU B 98 22.54 -5.93 12.19
C GLU B 98 23.85 -5.19 12.40
N TYR B 99 24.67 -5.15 11.34
CA TYR B 99 25.97 -4.53 11.31
C TYR B 99 26.12 -3.72 10.03
N LEU B 100 26.74 -2.54 10.13
CA LEU B 100 27.09 -1.80 8.92
C LEU B 100 28.34 -0.98 9.18
N THR B 101 29.01 -0.61 8.09
CA THR B 101 30.03 0.42 8.11
C THR B 101 29.59 1.53 7.16
N TYR B 102 29.86 2.77 7.53
CA TYR B 102 29.42 3.90 6.73
C TYR B 102 30.59 4.81 6.42
N GLU B 103 30.36 5.72 5.48
CA GLU B 103 31.29 6.82 5.30
C GLU B 103 30.50 8.12 5.34
N THR B 104 31.11 9.15 5.93
CA THR B 104 30.45 10.45 6.08
C THR B 104 30.67 11.29 4.82
N LEU B 105 29.91 12.37 4.75
CA LEU B 105 29.84 13.15 3.54
C LEU B 105 30.32 14.58 3.78
N PRO B 106 30.70 15.30 2.73
CA PRO B 106 31.01 16.72 2.91
C PRO B 106 29.83 17.45 3.54
N THR B 107 30.06 18.70 3.92
CA THR B 107 29.09 19.38 4.79
C THR B 107 29.36 20.87 4.76
N ASN B 108 28.33 21.64 4.46
CA ASN B 108 28.47 23.09 4.39
C ASN B 108 28.50 23.66 5.80
N PRO B 109 29.48 24.51 6.13
CA PRO B 109 29.57 25.04 7.51
C PRO B 109 28.39 25.88 7.94
N HIS B 110 27.86 26.80 7.09
CA HIS B 110 26.69 27.57 7.53
C HIS B 110 25.52 26.67 7.83
N LEU B 111 25.27 25.68 6.95
CA LEU B 111 24.19 24.73 7.16
C LEU B 111 24.30 24.07 8.52
N ALA B 112 25.49 23.54 8.84
CA ALA B 112 25.67 22.79 10.07
C ALA B 112 25.67 23.70 11.29
N ALA B 113 26.14 24.94 11.17
CA ALA B 113 26.05 25.87 12.29
C ALA B 113 24.61 26.31 12.51
N ARG B 114 24.01 26.94 11.49
CA ARG B 114 22.74 27.61 11.68
C ARG B 114 21.59 26.62 11.82
N TYR B 115 21.68 25.44 11.19
CA TYR B 115 20.58 24.49 11.25
C TYR B 115 21.04 23.20 11.91
N ALA B 116 21.72 23.34 13.05
CA ALA B 116 22.43 22.21 13.64
C ALA B 116 21.48 21.20 14.27
N SER B 117 21.81 19.93 14.09
CA SER B 117 21.10 18.81 14.70
C SER B 117 22.03 17.60 14.63
N PRO B 118 21.76 16.56 15.42
CA PRO B 118 22.67 15.40 15.40
C PRO B 118 22.39 14.46 14.22
N THR B 119 22.50 15.00 13.02
CA THR B 119 22.14 14.30 11.79
C THR B 119 23.40 13.77 11.13
N MET B 120 23.35 12.50 10.71
CA MET B 120 24.50 11.84 10.09
C MET B 120 24.07 11.36 8.71
N PRO B 121 24.17 12.21 7.68
CA PRO B 121 24.02 11.73 6.29
C PRO B 121 25.25 10.95 5.89
N VAL B 122 25.10 9.64 5.70
CA VAL B 122 26.23 8.76 5.46
C VAL B 122 25.89 7.85 4.29
N ASN B 123 26.92 7.27 3.68
CA ASN B 123 26.75 6.20 2.70
C ASN B 123 27.06 4.87 3.36
N ILE B 124 26.20 3.87 3.13
CA ILE B 124 26.48 2.53 3.63
C ILE B 124 27.55 1.92 2.73
N ILE B 125 28.66 1.47 3.32
CA ILE B 125 29.69 0.80 2.54
C ILE B 125 29.46 -0.71 2.52
N ALA B 126 29.34 -1.33 3.69
CA ALA B 126 29.00 -2.74 3.80
C ALA B 126 27.94 -2.89 4.88
N SER B 127 27.09 -3.90 4.73
CA SER B 127 26.03 -4.09 5.73
C SER B 127 25.56 -5.53 5.74
N SER B 128 25.05 -5.95 6.89
CA SER B 128 24.30 -7.18 7.06
C SER B 128 22.95 -7.10 6.34
N LYS B 129 22.27 -8.25 6.28
CA LYS B 129 21.14 -8.40 5.36
C LYS B 129 19.99 -7.46 5.70
N GLY B 130 19.66 -7.32 6.99
CA GLY B 130 18.52 -6.51 7.35
C GLY B 130 18.64 -5.06 6.88
N PHE B 131 19.87 -4.56 6.83
CA PHE B 131 20.12 -3.19 6.38
C PHE B 131 20.01 -3.05 4.87
N GLN B 132 19.88 -4.15 4.14
CA GLN B 132 19.78 -4.08 2.70
C GLN B 132 18.36 -3.91 2.20
N SER B 133 17.36 -4.08 3.07
CA SER B 133 15.99 -3.86 2.67
C SER B 133 15.78 -2.40 2.28
N ARG B 134 15.02 -2.17 1.22
CA ARG B 134 14.86 -0.81 0.70
C ARG B 134 14.01 0.07 1.60
N VAL B 135 13.20 -0.55 2.47
CA VAL B 135 12.44 0.16 3.50
C VAL B 135 13.36 1.00 4.39
N VAL B 136 14.54 0.48 4.71
CA VAL B 136 15.39 1.03 5.77
C VAL B 136 16.25 2.12 5.13
N VAL B 137 15.83 3.37 5.26
CA VAL B 137 16.56 4.50 4.70
C VAL B 137 17.20 5.36 5.78
N ALA B 138 16.88 5.10 7.05
CA ALA B 138 17.40 5.88 8.16
C ALA B 138 17.50 4.96 9.35
N LEU B 139 18.25 5.37 10.36
CA LEU B 139 18.32 4.64 11.62
C LEU B 139 18.22 5.64 12.75
N ALA B 140 17.20 5.52 13.55
CA ALA B 140 16.83 6.32 14.71
C ALA B 140 17.22 5.61 16.02
N PRO B 141 17.58 6.36 17.06
CA PRO B 141 18.02 5.70 18.32
C PRO B 141 16.96 4.81 18.92
N GLU B 142 15.69 5.17 18.78
CA GLU B 142 14.71 4.28 19.38
C GLU B 142 14.53 3.00 18.58
N ASN B 143 15.21 2.82 17.44
CA ASN B 143 15.13 1.54 16.75
C ASN B 143 15.89 0.42 17.47
N HIS B 144 16.83 0.75 18.36
CA HIS B 144 17.47 -0.29 19.16
C HIS B 144 16.45 -0.93 20.10
N ILE B 145 16.81 -2.11 20.63
CA ILE B 145 15.86 -2.85 21.48
C ILE B 145 15.46 -2.06 22.72
N ASP B 146 16.30 -1.15 23.20
CA ASP B 146 15.94 -0.39 24.39
C ASP B 146 14.83 0.62 24.14
N GLY B 147 14.60 1.04 22.89
CA GLY B 147 13.53 1.98 22.61
C GLY B 147 13.76 3.42 23.03
N ILE B 148 14.98 3.79 23.42
CA ILE B 148 15.24 5.12 23.99
C ILE B 148 15.77 6.06 22.91
N GLN B 149 15.36 7.33 22.98
CA GLN B 149 15.89 8.39 22.13
C GLN B 149 16.23 9.60 23.01
N ARG B 150 17.39 10.16 22.74
CA ARG B 150 17.79 11.41 23.43
C ARG B 150 17.96 12.49 22.36
N GLY B 151 17.75 13.75 22.71
CA GLY B 151 17.81 14.84 21.75
C GLY B 151 19.15 14.96 21.05
N ASP B 152 20.22 14.54 21.72
CA ASP B 152 21.56 14.62 21.14
C ASP B 152 22.04 13.29 20.58
N ASP B 153 21.19 12.27 20.53
CA ASP B 153 21.53 11.02 19.86
C ASP B 153 21.66 11.23 18.35
N LEU B 154 22.68 10.62 17.74
CA LEU B 154 22.86 10.74 16.31
C LEU B 154 21.79 9.98 15.54
N ILE B 155 21.32 10.58 14.46
CA ILE B 155 20.32 9.98 13.55
C ILE B 155 20.99 9.84 12.20
N PHE B 156 21.01 8.62 11.69
CA PHE B 156 21.66 8.34 10.41
C PHE B 156 20.65 8.34 9.27
N TYR B 157 21.04 8.95 8.15
CA TYR B 157 20.29 8.89 6.91
C TYR B 157 21.19 8.29 5.84
N PHE B 158 20.73 7.21 5.21
CA PHE B 158 21.53 6.48 4.24
C PHE B 158 21.34 7.13 2.87
N ILE B 159 22.17 8.14 2.62
CA ILE B 159 22.05 8.96 1.42
C ILE B 159 22.16 8.12 0.15
N ASN B 160 22.95 7.04 0.17
CA ASN B 160 23.10 6.24 -1.05
C ASN B 160 21.78 5.64 -1.49
N LYS B 161 20.95 5.17 -0.55
CA LYS B 161 19.62 4.69 -0.91
C LYS B 161 18.75 5.80 -1.50
N PHE B 162 18.92 7.04 -1.03
CA PHE B 162 18.12 8.14 -1.58
C PHE B 162 18.58 8.52 -2.99
N VAL B 163 19.88 8.39 -3.28
CA VAL B 163 20.38 8.50 -4.64
C VAL B 163 19.72 7.43 -5.53
N GLU B 164 19.76 6.19 -5.08
CA GLU B 164 19.20 5.08 -5.86
C GLU B 164 17.74 5.33 -6.21
N ARG B 165 16.92 5.70 -5.22
CA ARG B 165 15.51 5.99 -5.46
C ARG B 165 15.32 7.15 -6.42
N HIS B 166 16.13 8.20 -6.29
CA HIS B 166 16.01 9.35 -7.18
C HIS B 166 16.22 8.91 -8.62
N ASN B 167 17.23 8.08 -8.86
CA ASN B 167 17.56 7.66 -10.21
C ASN B 167 16.58 6.63 -10.73
N ARG B 168 15.98 5.84 -9.84
CA ARG B 168 15.05 4.80 -10.26
C ARG B 168 13.64 5.35 -10.50
N ILE B 169 13.23 6.38 -9.74
CA ILE B 169 11.85 6.85 -9.76
C ILE B 169 11.78 8.30 -10.18
N THR B 170 12.43 9.19 -9.41
CA THR B 170 12.23 10.62 -9.61
C THR B 170 12.63 11.05 -11.01
N ARG B 171 13.73 10.49 -11.53
CA ARG B 171 14.24 10.96 -12.81
C ARG B 171 13.27 10.65 -13.94
N LYS B 172 12.75 9.42 -14.00
CA LYS B 172 11.82 9.16 -15.09
C LYS B 172 10.48 9.85 -14.86
N MET B 173 10.17 10.22 -13.61
CA MET B 173 8.95 11.02 -13.38
C MET B 173 9.17 12.47 -13.78
N ILE B 174 10.38 13.00 -13.60
CA ILE B 174 10.69 14.32 -14.14
C ILE B 174 10.50 14.33 -15.65
N ASP B 175 11.07 13.33 -16.34
CA ASP B 175 10.98 13.30 -17.80
C ASP B 175 9.54 13.29 -18.26
N ALA B 176 8.69 12.50 -17.61
CA ALA B 176 7.33 12.25 -18.08
C ALA B 176 6.28 13.23 -17.55
N VAL B 177 6.53 13.87 -16.41
CA VAL B 177 5.49 14.60 -15.71
C VAL B 177 5.76 16.11 -15.66
N MET B 178 7.01 16.54 -15.68
CA MET B 178 7.35 17.94 -15.52
C MET B 178 7.46 18.61 -16.90
N ALA B 179 7.13 19.90 -16.93
CA ALA B 179 7.42 20.69 -18.13
C ALA B 179 8.92 20.80 -18.34
N GLU B 180 9.31 20.91 -19.62
CA GLU B 180 10.71 21.05 -20.00
C GLU B 180 11.37 22.19 -19.22
N GLY B 181 12.57 21.93 -18.69
CA GLY B 181 13.28 22.95 -17.91
C GLY B 181 12.76 23.22 -16.49
N SER B 182 11.98 22.31 -15.92
CA SER B 182 11.46 22.55 -14.57
C SER B 182 12.56 22.44 -13.52
N PHE B 183 13.48 21.50 -13.71
CA PHE B 183 14.53 21.21 -12.74
C PHE B 183 15.87 21.17 -13.46
N PRO B 184 16.34 22.32 -13.96
CA PRO B 184 17.56 22.32 -14.80
C PRO B 184 18.81 21.84 -14.06
N LEU B 185 19.00 22.25 -12.81
CA LEU B 185 20.18 21.82 -12.07
C LEU B 185 20.21 20.31 -11.85
N LEU B 186 19.06 19.63 -11.89
CA LEU B 186 19.03 18.18 -11.67
C LEU B 186 19.25 17.37 -12.95
N ARG B 187 18.95 17.92 -14.12
CA ARG B 187 19.05 17.14 -15.35
C ARG B 187 20.47 16.67 -15.57
N GLY B 188 20.65 15.35 -15.71
CA GLY B 188 21.95 14.75 -15.93
C GLY B 188 22.89 14.70 -14.73
N ALA B 189 22.57 15.39 -13.62
CA ALA B 189 23.51 15.54 -12.51
C ALA B 189 24.05 14.19 -12.05
N ASP B 190 25.33 14.16 -11.69
CA ASP B 190 25.91 12.88 -11.29
C ASP B 190 25.45 12.52 -9.88
N ASP B 191 25.82 11.31 -9.46
CA ASP B 191 25.36 10.83 -8.16
C ASP B 191 25.92 11.68 -7.03
N ARG B 192 27.17 12.16 -7.17
CA ARG B 192 27.75 12.98 -6.12
C ARG B 192 26.98 14.30 -5.96
N THR B 193 26.44 14.83 -7.04
CA THR B 193 25.64 16.04 -6.96
C THR B 193 24.33 15.77 -6.25
N VAL B 194 23.68 14.65 -6.60
CA VAL B 194 22.43 14.24 -5.96
C VAL B 194 22.67 13.94 -4.48
N GLU B 195 23.74 13.19 -4.20
CA GLU B 195 24.19 12.93 -2.83
C GLU B 195 24.27 14.21 -2.01
N GLN B 196 24.88 15.24 -2.57
CA GLN B 196 25.08 16.48 -1.83
C GLN B 196 23.73 17.14 -1.51
N ALA B 197 22.87 17.30 -2.51
CA ALA B 197 21.55 17.88 -2.29
C ALA B 197 20.72 17.05 -1.32
N SER B 198 20.84 15.73 -1.39
CA SER B 198 20.14 14.86 -0.47
C SER B 198 20.63 15.04 0.96
N SER B 199 21.94 15.18 1.16
CA SER B 199 22.43 15.37 2.53
C SER B 199 21.99 16.71 3.09
N TRP B 200 21.91 17.73 2.24
CA TRP B 200 21.29 18.99 2.65
C TRP B 200 19.84 18.75 3.04
N TRP B 201 19.12 17.99 2.20
CA TRP B 201 17.71 17.75 2.48
C TRP B 201 17.53 17.10 3.86
N VAL B 202 18.29 16.05 4.16
CA VAL B 202 18.02 15.36 5.44
C VAL B 202 18.37 16.24 6.64
N ARG B 203 19.42 17.07 6.54
CA ARG B 203 19.77 17.95 7.65
C ARG B 203 18.67 18.99 7.89
N LEU B 204 18.18 19.61 6.82
CA LEU B 204 17.11 20.59 6.99
C LEU B 204 15.84 19.91 7.49
N HIS B 205 15.64 18.66 7.08
CA HIS B 205 14.49 17.86 7.49
C HIS B 205 14.49 17.61 9.00
N GLU B 206 15.58 17.01 9.49
CA GLU B 206 15.72 16.76 10.92
C GLU B 206 15.64 18.04 11.74
N TYR B 207 16.28 19.12 11.27
CA TYR B 207 16.31 20.35 12.06
C TYR B 207 14.91 20.91 12.28
N HIS B 208 14.06 20.87 11.25
CA HIS B 208 12.77 21.52 11.36
C HIS B 208 11.73 20.68 12.09
N HIS B 209 11.92 19.35 12.11
CA HIS B 209 11.18 18.50 13.03
C HIS B 209 11.15 19.07 14.45
N ARG B 210 12.24 19.71 14.88
CA ARG B 210 12.35 20.23 16.23
C ARG B 210 11.86 21.68 16.37
N GLN B 211 11.52 22.36 15.27
CA GLN B 211 11.04 23.74 15.30
C GLN B 211 9.52 23.79 15.23
N GLY B 212 8.96 24.99 15.47
CA GLY B 212 7.52 25.21 15.37
C GLY B 212 6.77 25.02 16.67
N ASP B 213 5.44 25.13 16.58
CA ASP B 213 4.63 25.10 17.78
C ASP B 213 4.26 23.70 18.25
N MET B 214 4.54 22.68 17.42
CA MET B 214 4.25 21.29 17.80
C MET B 214 5.41 20.38 17.42
N PRO B 215 6.60 20.65 17.94
CA PRO B 215 7.78 19.86 17.54
C PRO B 215 7.65 18.40 17.97
N ILE B 216 8.37 17.55 17.26
CA ILE B 216 8.56 16.17 17.72
C ILE B 216 9.98 16.09 18.27
N PRO B 217 10.24 15.24 19.26
CA PRO B 217 9.31 14.23 19.77
C PRO B 217 8.19 14.72 20.71
N GLU B 218 8.25 15.95 21.23
CA GLU B 218 7.26 16.35 22.23
C GLU B 218 5.84 15.98 21.80
N PHE B 219 5.46 16.36 20.58
CA PHE B 219 4.11 16.12 20.08
C PHE B 219 4.02 14.92 19.16
N LEU B 220 4.99 14.02 19.23
CA LEU B 220 5.07 12.88 18.29
C LEU B 220 3.78 12.07 18.28
N ARG B 221 3.15 11.83 19.43
CA ARG B 221 2.00 10.92 19.42
C ARG B 221 0.78 11.54 18.77
N TYR B 222 0.68 12.85 18.76
CA TYR B 222 -0.42 13.49 18.06
C TYR B 222 -0.24 13.44 16.55
N LYS B 223 0.96 13.14 16.07
CA LYS B 223 1.27 13.18 14.65
C LYS B 223 1.47 11.79 14.05
N LYS B 224 0.78 10.78 14.59
CA LYS B 224 0.99 9.45 14.07
C LYS B 224 -0.14 8.96 13.18
N LEU B 225 -1.32 9.57 13.22
CA LEU B 225 -2.35 9.25 12.22
C LEU B 225 -1.72 9.31 10.83
N LYS B 226 -2.24 8.50 9.91
CA LYS B 226 -1.63 8.46 8.57
C LYS B 226 -1.56 9.83 7.92
N PRO B 227 -2.64 10.59 7.79
CA PRO B 227 -2.52 11.89 7.12
C PRO B 227 -1.66 12.87 7.89
N LEU B 228 -1.47 12.70 9.20
CA LEU B 228 -0.72 13.69 9.96
C LEU B 228 0.77 13.37 10.00
N ALA B 229 1.15 12.10 9.98
CA ALA B 229 2.56 11.80 9.86
C ALA B 229 3.12 12.33 8.54
N GLY B 230 2.37 12.13 7.46
CA GLY B 230 2.74 12.74 6.18
C GLY B 230 2.82 14.26 6.25
N LEU B 231 1.78 14.89 6.81
CA LEU B 231 1.74 16.36 6.91
C LEU B 231 2.95 16.90 7.67
N GLU B 232 3.33 16.24 8.77
CA GLU B 232 4.52 16.63 9.52
C GLU B 232 5.78 16.54 8.66
N GLU B 233 5.93 15.45 7.91
CA GLU B 233 7.07 15.30 7.01
C GLU B 233 7.08 16.42 5.96
N LEU B 234 5.91 16.80 5.47
CA LEU B 234 5.82 17.84 4.47
C LEU B 234 6.10 19.21 5.07
N ARG B 235 5.62 19.45 6.29
CA ARG B 235 5.91 20.71 6.97
C ARG B 235 7.41 20.97 7.06
N VAL B 236 8.20 19.94 7.41
CA VAL B 236 9.64 20.13 7.53
C VAL B 236 10.28 20.26 6.16
N ASP B 237 9.74 19.58 5.13
CA ASP B 237 10.40 19.69 3.83
C ASP B 237 10.09 21.01 3.13
N VAL B 238 8.86 21.53 3.25
CA VAL B 238 8.59 22.86 2.73
C VAL B 238 9.49 23.89 3.41
N SER B 239 9.64 23.79 4.73
CA SER B 239 10.57 24.64 5.47
C SER B 239 11.97 24.54 4.89
N GLY B 240 12.43 23.31 4.62
CA GLY B 240 13.72 23.14 3.97
C GLY B 240 13.75 23.77 2.59
N MET B 241 12.66 23.63 1.82
CA MET B 241 12.64 24.25 0.50
C MET B 241 12.80 25.76 0.62
N LEU B 242 12.13 26.36 1.61
CA LEU B 242 12.15 27.81 1.74
C LEU B 242 13.49 28.31 2.28
N VAL B 243 14.12 27.54 3.17
CA VAL B 243 15.46 27.90 3.64
C VAL B 243 16.44 27.96 2.48
N CYS B 244 16.39 26.97 1.58
CA CYS B 244 17.20 26.99 0.37
C CYS B 244 16.96 28.24 -0.48
N LEU B 245 15.74 28.77 -0.46
CA LEU B 245 15.40 29.91 -1.29
C LEU B 245 15.73 31.23 -0.63
N ASN B 246 15.65 31.29 0.70
CA ASN B 246 15.63 32.55 1.45
C ASN B 246 16.91 32.87 2.20
N ASP B 247 17.67 31.88 2.64
CA ASP B 247 18.82 32.15 3.50
C ASP B 247 20.02 32.50 2.65
N PRO B 248 20.52 33.74 2.74
CA PRO B 248 21.56 34.19 1.82
C PRO B 248 22.95 33.66 2.14
N GLU B 249 23.13 33.04 3.31
CA GLU B 249 24.44 32.59 3.73
C GLU B 249 24.74 31.18 3.25
N LEU B 250 23.82 30.55 2.53
CA LEU B 250 24.06 29.27 1.89
C LEU B 250 24.63 29.50 0.50
N PRO B 251 25.64 28.73 0.08
CA PRO B 251 26.15 28.87 -1.28
C PRO B 251 25.02 28.69 -2.28
N ALA B 252 24.87 29.68 -3.18
CA ALA B 252 23.69 29.76 -4.03
C ALA B 252 23.60 28.57 -4.99
N ASP B 253 24.73 28.11 -5.51
CA ASP B 253 24.69 26.94 -6.37
C ASP B 253 24.16 25.72 -5.62
N GLU B 254 24.74 25.43 -4.44
CA GLU B 254 24.28 24.29 -3.66
C GLU B 254 22.86 24.49 -3.15
N ALA B 255 22.45 25.73 -2.90
CA ALA B 255 21.12 25.98 -2.35
C ALA B 255 20.04 25.71 -3.40
N ARG B 256 20.20 26.28 -4.59
CA ARG B 256 19.21 26.06 -5.65
C ARG B 256 19.11 24.58 -6.00
N LEU B 257 20.26 23.90 -6.09
CA LEU B 257 20.24 22.46 -6.31
C LEU B 257 19.36 21.76 -5.28
N ALA B 258 19.62 22.01 -4.00
CA ALA B 258 18.89 21.32 -2.93
C ALA B 258 17.40 21.63 -3.00
N TYR B 259 17.07 22.87 -3.36
CA TYR B 259 15.66 23.24 -3.55
C TYR B 259 15.01 22.36 -4.60
N GLU B 260 15.67 22.21 -5.74
CA GLU B 260 15.12 21.42 -6.84
C GLU B 260 15.00 19.96 -6.45
N TYR B 261 15.97 19.45 -5.70
CA TYR B 261 15.90 18.08 -5.21
C TYR B 261 14.67 17.88 -4.32
N ILE B 262 14.52 18.70 -3.29
CA ILE B 262 13.44 18.50 -2.33
C ILE B 262 12.09 18.62 -3.01
N LEU B 263 11.92 19.64 -3.85
CA LEU B 263 10.68 19.84 -4.60
C LEU B 263 10.38 18.66 -5.52
N SER B 264 11.37 18.18 -6.27
CA SER B 264 11.13 17.04 -7.15
C SER B 264 10.78 15.78 -6.37
N GLU B 265 11.44 15.55 -5.23
CA GLU B 265 11.07 14.39 -4.42
C GLU B 265 9.65 14.50 -3.88
N ARG B 266 9.28 15.69 -3.43
CA ARG B 266 7.98 15.90 -2.80
C ARG B 266 6.85 15.98 -3.81
N LEU B 267 7.12 16.53 -5.00
CA LEU B 267 6.10 16.66 -6.03
C LEU B 267 5.91 15.38 -6.82
N LEU B 268 6.91 14.48 -6.86
CA LEU B 268 6.84 13.34 -7.78
C LEU B 268 6.99 11.99 -7.06
N ARG B 269 8.20 11.67 -6.58
CA ARG B 269 8.46 10.36 -5.99
C ARG B 269 7.53 10.06 -4.81
N TYR B 270 7.44 10.99 -3.85
CA TYR B 270 6.62 10.72 -2.66
C TYR B 270 5.15 10.69 -3.01
N ALA B 271 4.75 11.33 -4.10
CA ALA B 271 3.36 11.45 -4.49
C ALA B 271 2.78 10.16 -5.05
N VAL B 272 3.60 9.17 -5.43
CA VAL B 272 3.11 7.91 -6.00
C VAL B 272 3.35 6.74 -5.05
N GLU B 273 3.83 7.01 -3.83
CA GLU B 273 4.13 5.93 -2.89
C GLU B 273 2.87 5.20 -2.46
N GLY B 274 2.96 3.87 -2.37
CA GLY B 274 1.88 3.10 -1.81
C GLY B 274 0.97 2.44 -2.83
N ILE B 275 0.68 1.17 -2.62
CA ILE B 275 -0.21 0.39 -3.48
C ILE B 275 -1.06 -0.48 -2.57
N PRO B 276 -2.40 -0.47 -2.69
CA PRO B 276 -3.19 0.32 -3.64
C PRO B 276 -3.47 1.74 -3.16
N ARG B 277 -3.34 1.96 -1.85
CA ARG B 277 -3.65 3.29 -1.34
C ARG B 277 -2.37 4.09 -1.13
N PRO B 278 -2.46 5.41 -1.19
CA PRO B 278 -1.30 6.24 -0.85
C PRO B 278 -0.84 5.99 0.58
N ASN B 279 0.47 5.99 0.79
CA ASN B 279 0.99 5.94 2.16
C ASN B 279 0.95 7.37 2.74
N TYR B 280 1.48 7.52 3.96
CA TYR B 280 1.41 8.82 4.63
C TYR B 280 2.12 9.91 3.82
N ASP B 281 3.29 9.61 3.26
CA ASP B 281 3.99 10.60 2.44
C ASP B 281 3.17 11.00 1.20
N ALA B 282 2.55 10.02 0.53
CA ALA B 282 1.83 10.34 -0.70
C ALA B 282 0.60 11.21 -0.42
N VAL B 283 -0.11 10.95 0.70
CA VAL B 283 -1.26 11.78 1.05
C VAL B 283 -0.83 13.24 1.17
N ALA B 284 0.24 13.48 1.92
CA ALA B 284 0.72 14.85 2.11
C ALA B 284 1.18 15.47 0.79
N SER B 285 1.91 14.69 -0.02
CA SER B 285 2.34 15.17 -1.34
C SER B 285 1.16 15.52 -2.22
N GLN B 286 0.07 14.75 -2.13
CA GLN B 286 -1.10 15.06 -2.93
C GLN B 286 -1.83 16.28 -2.39
N LEU B 287 -1.80 16.48 -1.05
CA LEU B 287 -2.27 17.73 -0.47
C LEU B 287 -1.49 18.91 -1.04
N LEU B 288 -0.17 18.81 -1.08
CA LEU B 288 0.67 19.86 -1.66
C LEU B 288 0.32 20.10 -3.12
N PHE B 289 0.20 19.02 -3.89
CA PHE B 289 -0.10 19.12 -5.32
C PHE B 289 -1.39 19.93 -5.54
N ASN B 290 -2.48 19.51 -4.91
CA ASN B 290 -3.76 20.20 -5.10
C ASN B 290 -3.74 21.60 -4.49
N TYR B 291 -3.10 21.77 -3.33
CA TYR B 291 -2.97 23.12 -2.80
C TYR B 291 -2.31 24.04 -3.82
N LEU B 292 -1.14 23.64 -4.33
CA LEU B 292 -0.42 24.50 -5.25
C LEU B 292 -1.23 24.73 -6.53
N SER B 293 -1.92 23.69 -7.02
CA SER B 293 -2.78 23.87 -8.19
C SER B 293 -3.81 24.96 -7.95
N GLU B 294 -4.51 24.89 -6.81
CA GLU B 294 -5.64 25.78 -6.59
C GLU B 294 -5.22 27.19 -6.25
N HIS B 295 -3.96 27.39 -5.84
CA HIS B 295 -3.50 28.69 -5.35
C HIS B 295 -2.43 29.33 -6.24
N GLY B 296 -2.28 28.85 -7.47
CA GLY B 296 -1.41 29.55 -8.41
C GLY B 296 0.06 29.23 -8.32
N GLY B 297 0.44 28.10 -7.70
CA GLY B 297 1.84 27.75 -7.60
C GLY B 297 2.33 26.88 -8.73
N ILE B 298 1.47 25.98 -9.22
CA ILE B 298 1.77 25.16 -10.39
C ILE B 298 0.55 25.15 -11.29
N GLU B 299 0.78 24.87 -12.56
CA GLU B 299 -0.30 24.76 -13.53
C GLU B 299 -0.15 23.48 -14.34
N LEU B 300 -1.29 22.91 -14.71
CA LEU B 300 -1.34 21.68 -15.50
C LEU B 300 -1.57 22.07 -16.95
N HIS B 301 -0.54 21.93 -17.77
CA HIS B 301 -0.62 22.28 -19.20
C HIS B 301 -0.38 21.00 -19.99
N GLY B 302 -1.47 20.36 -20.40
CA GLY B 302 -1.36 19.16 -21.21
C GLY B 302 -0.79 17.98 -20.44
N GLY B 303 -1.36 17.70 -19.28
CA GLY B 303 -0.92 16.57 -18.46
C GLY B 303 0.43 16.74 -17.82
N VAL B 304 1.03 17.91 -17.93
CA VAL B 304 2.41 18.11 -17.51
C VAL B 304 2.45 19.28 -16.53
N ILE B 305 3.26 19.15 -15.47
CA ILE B 305 3.28 20.17 -14.42
C ILE B 305 4.20 21.30 -14.82
N ARG B 306 3.70 22.54 -14.69
CA ARG B 306 4.51 23.75 -14.86
C ARG B 306 4.66 24.40 -13.50
N LEU B 307 5.91 24.72 -13.11
CA LEU B 307 6.15 25.46 -11.89
C LEU B 307 6.01 26.94 -12.20
N CYS B 308 5.04 27.60 -11.56
CA CYS B 308 4.84 29.02 -11.78
C CYS B 308 5.96 29.86 -11.17
N PRO B 309 6.30 30.99 -11.78
CA PRO B 309 7.25 31.90 -11.14
C PRO B 309 6.89 32.23 -9.70
N GLU B 310 5.59 32.29 -9.38
CA GLU B 310 5.11 32.65 -8.05
C GLU B 310 5.26 31.52 -7.03
N LEU B 311 5.74 30.34 -7.44
CA LEU B 311 5.77 29.19 -6.53
C LEU B 311 6.40 29.50 -5.18
N PRO B 312 7.53 30.23 -5.07
CA PRO B 312 8.02 30.57 -3.72
C PRO B 312 6.98 31.20 -2.82
N ALA B 313 6.18 32.15 -3.32
CA ALA B 313 5.18 32.79 -2.48
C ALA B 313 4.09 31.81 -2.07
N VAL B 314 3.69 30.91 -2.97
CA VAL B 314 2.65 29.95 -2.63
C VAL B 314 3.15 28.94 -1.60
N LEU B 315 4.42 28.55 -1.71
CA LEU B 315 5.02 27.68 -0.70
C LEU B 315 4.97 28.32 0.69
N THR B 316 5.30 29.61 0.77
CA THR B 316 5.30 30.36 2.06
C THR B 316 3.86 30.37 2.59
N GLU B 317 2.93 30.72 1.73
CA GLU B 317 1.50 30.67 2.04
C GLU B 317 1.12 29.30 2.62
N PHE B 318 1.61 28.22 2.00
CA PHE B 318 1.23 26.88 2.45
C PHE B 318 1.80 26.59 3.84
N LEU B 319 3.10 26.87 4.04
CA LEU B 319 3.68 26.69 5.35
C LEU B 319 3.03 27.60 6.38
N ASP B 320 2.72 28.85 6.01
CA ASP B 320 2.07 29.75 6.95
C ASP B 320 0.73 29.20 7.39
N ARG B 321 0.00 28.57 6.46
CA ARG B 321 -1.27 27.94 6.79
C ARG B 321 -1.10 26.82 7.79
N ILE B 322 -0.16 25.91 7.53
CA ILE B 322 0.09 24.84 8.50
C ILE B 322 0.41 25.44 9.87
N GLN B 323 1.25 26.48 9.88
CA GLN B 323 1.67 27.08 11.14
C GLN B 323 0.51 27.77 11.86
N ARG B 324 -0.44 28.37 11.12
CA ARG B 324 -1.59 28.97 11.78
C ARG B 324 -2.45 27.91 12.46
N ILE B 325 -2.58 26.73 11.82
CA ILE B 325 -3.31 25.63 12.44
C ILE B 325 -2.58 25.16 13.71
N GLU B 326 -1.27 24.93 13.61
CA GLU B 326 -0.54 24.39 14.77
C GLU B 326 -0.44 25.42 15.89
N GLN B 327 -0.35 26.72 15.54
CA GLN B 327 -0.22 27.76 16.55
C GLN B 327 -1.36 27.71 17.57
N ARG B 328 -2.53 27.21 17.18
CA ARG B 328 -3.62 27.18 18.15
C ARG B 328 -3.42 26.14 19.26
N ILE B 329 -2.34 25.34 19.22
CA ILE B 329 -2.01 24.47 20.35
C ILE B 329 -1.88 25.27 21.64
N HIS B 330 -1.69 26.58 21.54
CA HIS B 330 -1.55 27.41 22.72
C HIS B 330 -2.88 27.76 23.37
N THR B 331 -4.00 27.56 22.66
CA THR B 331 -5.31 27.94 23.17
C THR B 331 -6.37 26.86 22.99
N THR B 332 -6.03 25.77 22.31
CA THR B 332 -6.96 24.67 22.11
C THR B 332 -6.22 23.39 22.45
N SER B 333 -6.97 22.29 22.51
CA SER B 333 -6.35 21.00 22.78
C SER B 333 -5.56 20.51 21.56
N ALA B 334 -4.62 19.59 21.83
CA ALA B 334 -3.93 18.91 20.73
C ALA B 334 -4.91 18.18 19.81
N GLU B 335 -6.01 17.66 20.38
CA GLU B 335 -6.99 16.92 19.58
C GLU B 335 -7.74 17.85 18.62
N GLU B 336 -8.03 19.08 19.07
CA GLU B 336 -8.68 20.02 18.17
C GLU B 336 -7.74 20.46 17.06
N VAL B 337 -6.44 20.57 17.34
CA VAL B 337 -5.49 20.88 16.27
C VAL B 337 -5.43 19.71 15.28
N GLN B 338 -5.31 18.48 15.79
CA GLN B 338 -5.43 17.30 14.93
C GLN B 338 -6.62 17.40 13.99
N GLN B 339 -7.79 17.72 14.53
CA GLN B 339 -8.97 17.78 13.68
C GLN B 339 -8.85 18.88 12.61
N ASN B 340 -8.23 20.01 12.95
CA ASN B 340 -8.05 21.05 11.95
C ASN B 340 -6.98 20.66 10.93
N LEU B 341 -5.92 19.97 11.36
CA LEU B 341 -4.93 19.46 10.41
C LEU B 341 -5.57 18.43 9.47
N LEU B 342 -6.34 17.48 10.02
CA LEU B 342 -7.10 16.53 9.23
C LEU B 342 -8.02 17.24 8.24
N GLU B 343 -8.76 18.22 8.72
CA GLU B 343 -9.72 18.90 7.88
C GLU B 343 -9.02 19.65 6.75
N PHE B 344 -7.90 20.33 7.07
CA PHE B 344 -7.11 20.96 6.03
C PHE B 344 -6.63 19.94 4.99
N THR B 345 -6.16 18.77 5.45
CA THR B 345 -5.66 17.75 4.55
C THR B 345 -6.76 17.27 3.60
N ASN B 346 -7.93 16.95 4.16
CA ASN B 346 -8.97 16.30 3.39
C ASN B 346 -9.58 17.22 2.35
N ARG B 347 -9.42 18.55 2.52
CA ARG B 347 -9.91 19.47 1.51
C ARG B 347 -9.10 19.37 0.23
N TYR B 348 -7.89 18.81 0.29
CA TYR B 348 -7.00 18.81 -0.86
C TYR B 348 -6.53 17.41 -1.28
N THR B 349 -7.09 16.36 -0.68
CA THR B 349 -6.79 14.98 -1.03
C THR B 349 -8.08 14.21 -1.25
N ASP B 350 -7.98 12.95 -1.70
CA ASP B 350 -9.19 12.17 -1.97
C ASP B 350 -9.43 11.25 -0.77
N TYR B 351 -10.18 11.77 0.20
CA TYR B 351 -10.55 11.03 1.40
C TYR B 351 -11.88 10.32 1.16
N ASP B 352 -11.91 9.03 1.47
CA ASP B 352 -13.13 8.24 1.43
C ASP B 352 -13.68 8.17 2.85
N PRO B 353 -14.77 8.88 3.15
CA PRO B 353 -15.23 8.93 4.55
C PRO B 353 -15.76 7.60 5.07
N ASP B 354 -16.24 6.70 4.20
CA ASP B 354 -16.75 5.43 4.71
C ASP B 354 -15.62 4.44 4.96
N ALA B 355 -14.64 4.38 4.06
CA ALA B 355 -13.47 3.58 4.38
C ALA B 355 -12.60 4.25 5.43
N LYS B 356 -12.68 5.58 5.56
CA LYS B 356 -11.80 6.37 6.41
C LYS B 356 -10.34 6.10 6.05
N ASP B 357 -10.06 6.32 4.78
CA ASP B 357 -8.73 6.17 4.22
C ASP B 357 -8.69 6.97 2.93
N TYR B 358 -7.57 6.89 2.23
CA TYR B 358 -7.34 7.76 1.08
C TYR B 358 -7.14 6.93 -0.17
N ARG B 359 -7.58 7.50 -1.28
CA ARG B 359 -7.28 6.99 -2.60
C ARG B 359 -6.26 7.90 -3.25
N HIS B 360 -5.46 7.34 -4.16
CA HIS B 360 -4.62 8.16 -5.00
C HIS B 360 -5.49 9.08 -5.83
N ILE B 361 -5.17 10.38 -5.83
CA ILE B 361 -5.91 11.31 -6.68
C ILE B 361 -5.69 10.88 -8.13
N PRO B 362 -6.65 11.15 -9.02
CA PRO B 362 -6.57 10.57 -10.37
C PRO B 362 -5.32 10.97 -11.13
N PHE B 363 -4.86 12.20 -10.95
CA PHE B 363 -3.65 12.63 -11.65
C PHE B 363 -2.50 11.66 -11.41
N PHE B 364 -2.33 11.20 -10.18
CA PHE B 364 -1.20 10.33 -9.88
C PHE B 364 -1.52 8.86 -10.08
N ALA B 365 -2.78 8.46 -9.94
CA ALA B 365 -3.15 7.10 -10.31
C ALA B 365 -2.77 6.81 -11.76
N GLU B 366 -3.15 7.73 -12.66
CA GLU B 366 -2.79 7.58 -14.06
C GLU B 366 -1.28 7.44 -14.25
N ILE B 367 -0.50 8.23 -13.50
CA ILE B 367 0.95 8.19 -13.58
C ILE B 367 1.49 6.85 -13.06
N LYS B 368 0.96 6.35 -11.94
CA LYS B 368 1.39 5.04 -11.46
C LYS B 368 1.13 3.96 -12.51
N GLU B 369 -0.04 3.99 -13.13
CA GLU B 369 -0.37 3.03 -14.19
C GLU B 369 0.58 3.17 -15.37
N ARG B 370 0.83 4.42 -15.78
CA ARG B 370 1.62 4.70 -16.97
C ARG B 370 3.06 4.26 -16.81
N LEU B 371 3.72 4.69 -15.73
CA LEU B 371 5.14 4.47 -15.53
C LEU B 371 5.44 3.27 -14.64
N GLY B 372 4.41 2.62 -14.10
CA GLY B 372 4.65 1.57 -13.14
C GLY B 372 5.42 2.00 -11.91
N VAL B 373 5.08 3.16 -11.31
CA VAL B 373 5.74 3.63 -10.08
C VAL B 373 4.81 3.64 -8.85
FE FE2 C . -16.52 -9.61 -2.56
FE FE2 D . 11.05 12.89 9.26
#